data_1WPW
#
_entry.id   1WPW
#
_cell.length_a   67.910
_cell.length_b   91.500
_cell.length_c   132.980
_cell.angle_alpha   90.00
_cell.angle_beta   90.00
_cell.angle_gamma   90.00
#
_symmetry.space_group_name_H-M   'P 2 2 21'
#
loop_
_entity.id
_entity.type
_entity.pdbx_description
1 polymer '3-isopropylmalate dehydrogenase'
2 non-polymer 'MAGNESIUM ION'
3 water water
#
_entity_poly.entity_id   1
_entity_poly.type   'polypeptide(L)'
_entity_poly.pdbx_seq_one_letter_code
;GFTVALIQGDGIGPEIVSKSKRILAKINELYSLPIEYIEVEAGDRALARYGEALPKDSLKIIDKADIILKGPVGESAADV
VVKLRQIYDMYANIRPAKSIPGIDTKYGNVDILIVRENTEDLYKGFEHIVSDGVAVGMKIITRFASERIAKVGLNFALRR
RKKVTCVHKANVMRITDGLFAEACRSVLKGKVEYSEMYVDAAAANLVRNPQMFDVIVTENVYGDILSDEASQIAGSLGIA
PSANIGDKKALFEPVHGAAFDIAGKNIGNPTAFLLSVSMMYERMYELSNDDRYIKASRALENAIYLVYKERKALTPDVGG
NATTDDLINEIYNKLG
;
_entity_poly.pdbx_strand_id   A,B
#
loop_
_chem_comp.id
_chem_comp.type
_chem_comp.name
_chem_comp.formula
MG non-polymer 'MAGNESIUM ION' 'Mg 2'
#
# COMPACT_ATOMS: atom_id res chain seq x y z
N GLY A 1 1.45 -2.55 40.88
CA GLY A 1 0.04 -2.10 40.69
C GLY A 1 -0.15 -1.09 39.54
N PHE A 2 -1.03 -1.42 38.60
CA PHE A 2 -1.36 -0.52 37.48
C PHE A 2 -2.78 0.05 37.60
N THR A 3 -2.95 1.29 37.14
CA THR A 3 -4.25 1.93 37.15
C THR A 3 -4.69 2.23 35.69
N VAL A 4 -5.71 1.51 35.21
CA VAL A 4 -6.18 1.62 33.84
C VAL A 4 -7.50 2.37 33.68
N ALA A 5 -7.49 3.40 32.85
CA ALA A 5 -8.68 4.20 32.57
C ALA A 5 -9.45 3.52 31.46
N LEU A 6 -10.64 3.03 31.80
CA LEU A 6 -11.52 2.30 30.89
C LEU A 6 -12.54 3.19 30.19
N ILE A 7 -12.58 3.21 28.86
CA ILE A 7 -13.55 4.06 28.15
C ILE A 7 -14.50 3.21 27.34
N GLN A 8 -15.78 3.34 27.57
CA GLN A 8 -16.75 2.58 26.80
C GLN A 8 -16.97 3.12 25.38
N GLY A 9 -17.10 4.43 25.24
CA GLY A 9 -17.28 5.03 23.93
C GLY A 9 -18.70 4.97 23.37
N ASP A 10 -18.81 4.89 22.04
CA ASP A 10 -20.10 4.96 21.39
C ASP A 10 -20.43 3.72 20.58
N GLY A 11 -21.56 3.77 19.90
CA GLY A 11 -22.00 2.67 19.07
C GLY A 11 -21.98 1.31 19.75
N ILE A 12 -21.10 0.45 19.29
CA ILE A 12 -20.99 -0.88 19.87
C ILE A 12 -19.96 -0.92 20.98
N GLY A 13 -19.40 0.25 21.33
CA GLY A 13 -18.41 0.31 22.40
C GLY A 13 -19.02 -0.16 23.70
N PRO A 14 -20.11 0.47 24.14
CA PRO A 14 -20.76 0.12 25.40
C PRO A 14 -21.06 -1.37 25.47
N GLU A 15 -21.62 -1.95 24.40
CA GLU A 15 -21.89 -3.40 24.41
C GLU A 15 -20.64 -4.25 24.54
N ILE A 16 -19.61 -3.92 23.76
CA ILE A 16 -18.37 -4.68 23.72
C ILE A 16 -17.60 -4.60 25.04
N VAL A 17 -17.37 -3.38 25.52
CA VAL A 17 -16.56 -3.21 26.74
C VAL A 17 -17.28 -3.76 27.96
N SER A 18 -18.51 -3.29 28.20
CA SER A 18 -19.23 -3.68 29.43
C SER A 18 -19.38 -5.19 29.55
N LYS A 19 -19.60 -5.89 28.45
CA LYS A 19 -19.75 -7.35 28.50
C LYS A 19 -18.41 -8.07 28.61
N SER A 20 -17.32 -7.35 28.38
CA SER A 20 -15.95 -7.90 28.44
C SER A 20 -15.34 -7.82 29.84
N LYS A 21 -15.98 -7.07 30.74
CA LYS A 21 -15.51 -6.94 32.12
C LYS A 21 -15.47 -8.31 32.81
N ARG A 22 -16.26 -9.26 32.31
CA ARG A 22 -16.28 -10.62 32.88
C ARG A 22 -14.92 -11.28 32.71
N ILE A 23 -14.30 -11.04 31.55
CA ILE A 23 -13.03 -11.65 31.20
C ILE A 23 -11.93 -10.89 31.87
N LEU A 24 -12.09 -9.57 31.90
CA LEU A 24 -11.12 -8.74 32.60
C LEU A 24 -11.01 -9.07 34.10
N ALA A 25 -12.08 -9.64 34.65
CA ALA A 25 -12.13 -9.96 36.08
C ALA A 25 -11.65 -11.35 36.31
N LYS A 26 -11.99 -12.25 35.40
CA LYS A 26 -11.57 -13.66 35.51
C LYS A 26 -10.06 -13.81 35.44
N ILE A 27 -9.38 -12.83 34.83
CA ILE A 27 -7.93 -12.86 34.64
C ILE A 27 -7.22 -12.24 35.81
N ASN A 28 -7.80 -11.19 36.37
CA ASN A 28 -7.21 -10.63 37.58
C ASN A 28 -7.22 -11.70 38.70
N GLU A 29 -8.18 -12.61 38.60
CA GLU A 29 -8.40 -13.61 39.60
C GLU A 29 -7.44 -14.75 39.32
N LEU A 30 -7.55 -15.34 38.14
CA LEU A 30 -6.79 -16.52 37.80
C LEU A 30 -5.28 -16.31 37.90
N TYR A 31 -4.81 -15.12 37.51
CA TYR A 31 -3.35 -14.80 37.55
C TYR A 31 -2.99 -13.76 38.60
N SER A 32 -3.95 -13.40 39.45
CA SER A 32 -3.70 -12.48 40.58
C SER A 32 -3.08 -11.18 40.11
N LEU A 33 -3.72 -10.51 39.16
CA LEU A 33 -3.20 -9.26 38.64
C LEU A 33 -3.72 -8.10 39.49
N PRO A 34 -2.81 -7.22 39.86
CA PRO A 34 -3.17 -6.02 40.60
C PRO A 34 -3.56 -4.87 39.69
N ILE A 35 -4.65 -5.02 38.95
CA ILE A 35 -5.07 -3.95 38.06
C ILE A 35 -6.33 -3.30 38.57
N GLU A 36 -6.33 -1.98 38.60
CA GLU A 36 -7.50 -1.21 39.02
C GLU A 36 -8.20 -0.64 37.77
N TYR A 37 -9.45 -1.04 37.53
CA TYR A 37 -10.17 -0.51 36.38
C TYR A 37 -11.13 0.57 36.81
N ILE A 38 -10.76 1.83 36.59
CA ILE A 38 -11.63 2.95 36.91
C ILE A 38 -12.16 3.61 35.62
N GLU A 39 -13.45 3.42 35.32
CA GLU A 39 -13.99 3.89 34.06
C GLU A 39 -14.40 5.33 34.01
N VAL A 40 -14.15 5.95 32.86
CA VAL A 40 -14.44 7.36 32.59
C VAL A 40 -15.19 7.58 31.25
N GLU A 41 -15.78 8.75 31.07
CA GLU A 41 -16.63 8.98 29.92
C GLU A 41 -15.91 9.83 28.89
N ALA A 42 -16.08 9.47 27.62
CA ALA A 42 -15.51 10.23 26.52
C ALA A 42 -16.14 9.77 25.22
N GLY A 43 -16.46 10.73 24.35
CA GLY A 43 -17.04 10.43 23.06
C GLY A 43 -18.25 11.28 22.71
N ASP A 44 -19.21 10.70 22.00
CA ASP A 44 -20.41 11.41 21.53
C ASP A 44 -21.51 11.56 22.57
N ARG A 45 -21.60 10.61 23.50
CA ARG A 45 -22.56 10.68 24.60
C ARG A 45 -22.12 11.65 25.68
N ALA A 46 -20.80 11.86 25.79
CA ALA A 46 -20.24 12.79 26.75
C ALA A 46 -20.36 14.22 26.24
N LEU A 47 -20.40 14.37 24.92
CA LEU A 47 -20.58 15.67 24.30
C LEU A 47 -22.05 16.14 24.43
N ALA A 48 -22.97 15.17 24.59
CA ALA A 48 -24.40 15.45 24.70
C ALA A 48 -24.80 15.77 26.15
N ARG A 49 -24.19 15.07 27.10
CA ARG A 49 -24.45 15.31 28.53
C ARG A 49 -23.73 16.56 29.02
N TYR A 50 -22.43 16.61 28.76
CA TYR A 50 -21.62 17.75 29.10
C TYR A 50 -21.40 18.51 27.81
N GLY A 51 -20.33 19.30 27.71
CA GLY A 51 -20.17 20.14 26.53
C GLY A 51 -18.92 19.83 25.75
N GLU A 52 -18.05 19.05 26.37
CA GLU A 52 -16.82 18.65 25.75
C GLU A 52 -16.83 17.13 25.52
N ALA A 53 -16.11 16.70 24.48
CA ALA A 53 -15.89 15.28 24.19
C ALA A 53 -15.02 14.60 25.24
N LEU A 54 -14.04 15.36 25.76
CA LEU A 54 -13.13 14.93 26.82
C LEU A 54 -13.34 15.85 28.03
N PRO A 55 -14.38 15.58 28.79
CA PRO A 55 -14.75 16.31 30.01
C PRO A 55 -13.58 16.59 30.94
N LYS A 56 -13.61 17.73 31.64
CA LYS A 56 -12.56 18.12 32.59
C LYS A 56 -12.27 16.99 33.62
N ASP A 57 -13.34 16.44 34.21
CA ASP A 57 -13.24 15.39 35.22
C ASP A 57 -12.59 14.11 34.69
N SER A 58 -12.91 13.77 33.45
CA SER A 58 -12.31 12.61 32.79
C SER A 58 -10.78 12.76 32.59
N LEU A 59 -10.35 13.88 32.01
CA LEU A 59 -8.94 14.16 31.82
C LEU A 59 -8.14 14.02 33.11
N LYS A 60 -8.75 14.39 34.24
CA LYS A 60 -8.03 14.35 35.50
C LYS A 60 -7.85 12.93 36.03
N ILE A 61 -8.74 12.02 35.64
CA ILE A 61 -8.60 10.62 36.05
C ILE A 61 -7.67 9.83 35.12
N ILE A 62 -7.53 10.31 33.89
CA ILE A 62 -6.63 9.65 32.92
C ILE A 62 -5.16 10.01 33.22
N ASP A 63 -4.95 11.23 33.71
CA ASP A 63 -3.63 11.77 34.01
C ASP A 63 -2.94 10.99 35.15
N LYS A 64 -3.73 10.49 36.09
CA LYS A 64 -3.23 9.70 37.21
C LYS A 64 -3.21 8.19 36.86
N ALA A 65 -3.61 7.88 35.63
CA ALA A 65 -3.68 6.50 35.18
C ALA A 65 -2.45 6.13 34.36
N ASP A 66 -2.07 4.86 34.42
CA ASP A 66 -0.92 4.36 33.66
C ASP A 66 -1.27 4.12 32.20
N ILE A 67 -2.35 3.35 31.97
CA ILE A 67 -2.74 2.90 30.64
C ILE A 67 -4.15 3.31 30.32
N ILE A 68 -4.47 3.55 29.06
CA ILE A 68 -5.84 3.86 28.65
C ILE A 68 -6.40 2.75 27.77
N LEU A 69 -7.48 2.13 28.20
CA LEU A 69 -8.10 1.04 27.47
C LEU A 69 -9.46 1.52 27.02
N LYS A 70 -9.62 1.70 25.70
CA LYS A 70 -10.85 2.26 25.12
C LYS A 70 -11.47 1.39 24.03
N GLY A 71 -12.76 1.56 23.85
CA GLY A 71 -13.43 0.97 22.73
C GLY A 71 -13.59 2.06 21.70
N PRO A 72 -14.38 1.83 20.68
CA PRO A 72 -14.47 2.78 19.60
C PRO A 72 -15.21 4.03 19.99
N VAL A 73 -14.79 5.16 19.42
CA VAL A 73 -15.43 6.46 19.62
C VAL A 73 -16.10 6.88 18.32
N GLY A 74 -17.08 7.76 18.40
CA GLY A 74 -17.87 8.14 17.24
C GLY A 74 -17.27 9.28 16.44
N GLU A 75 -18.10 10.29 16.15
CA GLU A 75 -17.71 11.46 15.34
C GLU A 75 -16.60 12.26 16.00
N SER A 76 -16.52 12.21 17.33
CA SER A 76 -15.51 12.96 18.10
C SER A 76 -14.19 12.19 18.34
N ALA A 77 -13.94 11.16 17.53
CA ALA A 77 -12.74 10.33 17.66
C ALA A 77 -11.48 11.15 17.50
N ALA A 78 -11.52 12.18 16.67
CA ALA A 78 -10.33 12.97 16.40
C ALA A 78 -9.93 13.90 17.56
N ASP A 79 -10.88 14.26 18.41
CA ASP A 79 -10.60 15.17 19.51
C ASP A 79 -10.25 14.40 20.76
N VAL A 80 -10.50 13.09 20.73
CA VAL A 80 -10.29 12.25 21.89
C VAL A 80 -8.95 11.55 21.78
N VAL A 81 -8.68 10.93 20.63
CA VAL A 81 -7.49 10.10 20.50
C VAL A 81 -6.25 10.95 20.18
N VAL A 82 -6.38 11.89 19.26
CA VAL A 82 -5.25 12.71 18.80
C VAL A 82 -4.73 13.61 19.91
N LYS A 83 -5.64 14.32 20.57
CA LYS A 83 -5.24 15.27 21.61
C LYS A 83 -4.69 14.53 22.80
N LEU A 84 -5.12 13.30 23.00
CA LEU A 84 -4.67 12.49 24.11
C LEU A 84 -3.30 11.88 23.82
N ARG A 85 -2.92 11.88 22.55
CA ARG A 85 -1.68 11.27 22.11
C ARG A 85 -0.54 12.24 22.20
N GLN A 86 -0.78 13.47 21.79
CA GLN A 86 0.29 14.46 21.77
C GLN A 86 0.63 15.07 23.15
N ILE A 87 -0.28 14.97 24.13
CA ILE A 87 0.04 15.47 25.47
C ILE A 87 0.69 14.42 26.37
N TYR A 88 0.51 13.15 26.05
CA TYR A 88 1.20 12.10 26.77
C TYR A 88 2.28 11.50 25.88
N ASP A 89 2.55 12.17 24.77
CA ASP A 89 3.63 11.79 23.85
C ASP A 89 3.75 10.27 23.65
N MET A 90 2.74 9.74 22.96
CA MET A 90 2.64 8.35 22.62
C MET A 90 3.03 8.19 21.14
N TYR A 91 4.33 8.20 20.93
CA TYR A 91 4.91 8.20 19.60
C TYR A 91 4.81 6.94 18.78
N ALA A 92 4.92 5.80 19.43
CA ALA A 92 4.93 4.49 18.72
C ALA A 92 3.53 3.94 18.57
N ASN A 93 3.15 3.64 17.32
CA ASN A 93 1.85 3.04 17.01
C ASN A 93 2.15 1.60 16.58
N ILE A 94 1.69 0.64 17.37
CA ILE A 94 1.94 -0.77 17.10
C ILE A 94 0.75 -1.43 16.43
N ARG A 95 1.03 -2.18 15.39
CA ARG A 95 0.01 -2.82 14.61
C ARG A 95 0.39 -4.24 14.27
N PRO A 96 -0.10 -5.21 15.03
CA PRO A 96 0.21 -6.60 14.72
C PRO A 96 -0.74 -7.14 13.72
N ALA A 97 -0.27 -8.06 12.90
CA ALA A 97 -1.09 -8.72 11.92
C ALA A 97 -0.77 -10.21 11.99
N LYS A 98 -1.65 -10.95 12.67
CA LYS A 98 -1.43 -12.41 12.88
C LYS A 98 -2.58 -13.21 12.29
N SER A 99 -2.25 -14.25 11.54
CA SER A 99 -3.28 -15.12 10.93
C SER A 99 -4.23 -15.69 11.97
N ILE A 100 -5.51 -15.54 11.74
CA ILE A 100 -6.53 -16.15 12.61
C ILE A 100 -7.12 -17.39 11.92
N PRO A 101 -7.08 -18.54 12.62
CA PRO A 101 -7.63 -19.77 12.03
C PRO A 101 -9.02 -19.57 11.57
N GLY A 102 -9.31 -20.06 10.38
CA GLY A 102 -10.61 -19.89 9.79
C GLY A 102 -10.84 -18.69 8.90
N ILE A 103 -10.33 -17.52 9.28
CA ILE A 103 -10.49 -16.32 8.47
C ILE A 103 -9.43 -16.14 7.41
N ASP A 104 -8.18 -16.53 7.68
CA ASP A 104 -7.12 -16.50 6.68
C ASP A 104 -7.07 -17.86 5.96
N THR A 105 -7.76 -17.95 4.84
CA THR A 105 -7.76 -19.18 4.03
C THR A 105 -6.84 -19.07 2.80
N LYS A 106 -5.82 -18.25 2.88
CA LYS A 106 -4.91 -18.05 1.74
C LYS A 106 -3.43 -18.25 2.07
N TYR A 107 -3.02 -17.87 3.29
CA TYR A 107 -1.64 -17.98 3.69
C TYR A 107 -1.47 -18.86 4.90
N GLY A 108 -2.10 -18.50 6.03
CA GLY A 108 -2.14 -19.35 7.21
C GLY A 108 -0.98 -19.21 8.18
N ASN A 109 0.07 -18.54 7.76
CA ASN A 109 1.27 -18.42 8.59
C ASN A 109 1.77 -16.98 8.72
N VAL A 110 0.85 -16.02 8.68
CA VAL A 110 1.22 -14.60 8.80
C VAL A 110 1.45 -14.26 10.25
N ASP A 111 2.58 -13.61 10.52
CA ASP A 111 2.90 -13.13 11.85
C ASP A 111 3.75 -11.86 11.74
N ILE A 112 3.09 -10.75 11.43
CA ILE A 112 3.78 -9.47 11.26
C ILE A 112 3.54 -8.56 12.43
N LEU A 113 4.50 -7.71 12.69
CA LEU A 113 4.35 -6.64 13.68
C LEU A 113 4.85 -5.33 13.05
N ILE A 114 3.97 -4.36 12.90
CA ILE A 114 4.34 -3.08 12.27
C ILE A 114 4.52 -2.01 13.31
N VAL A 115 5.72 -1.46 13.37
CA VAL A 115 6.04 -0.37 14.25
C VAL A 115 6.06 0.91 13.47
N ARG A 116 5.11 1.80 13.75
CA ARG A 116 4.88 2.98 12.94
C ARG A 116 5.12 4.27 13.74
N GLU A 117 6.06 5.08 13.29
CA GLU A 117 6.27 6.43 13.86
C GLU A 117 4.99 7.26 13.71
N ASN A 118 4.51 7.83 14.82
CA ASN A 118 3.21 8.51 14.87
C ASN A 118 3.23 9.97 15.29
N THR A 119 4.31 10.70 15.02
CA THR A 119 4.43 12.12 15.43
C THR A 119 4.87 13.12 14.36
N GLU A 120 5.60 12.70 13.36
CA GLU A 120 6.08 13.63 12.36
C GLU A 120 5.61 13.24 10.92
N ASP A 121 6.49 13.35 9.93
CA ASP A 121 6.14 13.06 8.56
C ASP A 121 5.17 14.15 8.07
N LEU A 122 4.09 13.78 7.38
CA LEU A 122 3.20 14.76 6.79
C LEU A 122 1.99 14.92 7.64
N TYR A 123 1.88 14.08 8.64
CA TYR A 123 0.68 14.05 9.50
C TYR A 123 0.71 15.07 10.61
N LYS A 124 1.64 16.01 10.57
CA LYS A 124 1.60 17.08 11.55
C LYS A 124 0.95 18.37 11.06
N GLY A 125 0.55 18.43 9.83
CA GLY A 125 -0.37 19.47 9.39
C GLY A 125 0.19 20.79 8.98
N PHE A 126 1.45 20.83 8.61
CA PHE A 126 2.06 22.09 8.23
C PHE A 126 1.85 22.33 6.74
N GLU A 127 0.64 22.75 6.37
CA GLU A 127 0.37 23.07 4.95
C GLU A 127 -0.39 24.35 4.69
N HIS A 128 -0.11 24.96 3.54
CA HIS A 128 -0.75 26.21 3.19
C HIS A 128 -1.05 26.27 1.68
N ILE A 129 -1.98 27.15 1.34
CA ILE A 129 -2.17 27.54 -0.03
C ILE A 129 -1.24 28.73 -0.23
N VAL A 130 -0.14 28.51 -0.92
CA VAL A 130 0.81 29.58 -1.17
C VAL A 130 0.45 30.57 -2.29
N SER A 131 -0.32 30.11 -3.27
CA SER A 131 -0.74 30.89 -4.42
C SER A 131 -2.04 30.27 -4.95
N ASP A 132 -2.64 30.88 -5.94
CA ASP A 132 -3.84 30.33 -6.55
C ASP A 132 -3.59 28.93 -7.14
N GLY A 133 -4.39 27.95 -6.74
CA GLY A 133 -4.26 26.58 -7.20
C GLY A 133 -3.00 25.85 -6.74
N VAL A 134 -2.26 26.40 -5.78
CA VAL A 134 -1.00 25.80 -5.38
C VAL A 134 -0.93 25.59 -3.89
N ALA A 135 -0.75 24.32 -3.50
CA ALA A 135 -0.72 23.91 -2.09
C ALA A 135 0.60 23.25 -1.70
N VAL A 136 1.16 23.66 -0.58
CA VAL A 136 2.43 23.11 -0.16
C VAL A 136 2.30 22.50 1.20
N GLY A 137 2.86 21.30 1.34
CA GLY A 137 2.86 20.58 2.58
C GLY A 137 4.28 20.23 2.95
N MET A 138 4.60 20.29 4.24
CA MET A 138 5.96 20.03 4.70
C MET A 138 6.11 18.64 5.29
N LYS A 139 7.08 17.89 4.80
CA LYS A 139 7.39 16.58 5.34
C LYS A 139 8.60 16.75 6.22
N ILE A 140 8.42 16.55 7.53
CA ILE A 140 9.48 16.82 8.48
C ILE A 140 9.82 15.51 9.17
N ILE A 141 11.06 15.12 9.05
CA ILE A 141 11.53 13.89 9.64
C ILE A 141 12.89 14.15 10.35
N THR A 142 12.92 13.87 11.66
CA THR A 142 14.12 14.08 12.50
C THR A 142 14.77 12.79 12.91
N ARG A 143 16.06 12.84 13.20
CA ARG A 143 16.78 11.64 13.70
C ARG A 143 16.41 11.27 15.15
N PHE A 144 15.94 12.26 15.91
CA PHE A 144 15.46 11.97 17.24
C PHE A 144 14.31 10.97 17.22
N ALA A 145 13.24 11.30 16.49
CA ALA A 145 12.07 10.42 16.36
C ALA A 145 12.44 9.15 15.66
N SER A 146 13.29 9.24 14.65
CA SER A 146 13.74 8.07 13.92
C SER A 146 14.48 6.99 14.77
N GLU A 147 15.26 7.43 15.75
CA GLU A 147 15.95 6.52 16.69
C GLU A 147 15.03 5.96 17.77
N ARG A 148 14.10 6.77 18.26
CA ARG A 148 13.12 6.32 19.23
C ARG A 148 12.22 5.25 18.66
N ILE A 149 11.75 5.43 17.44
CA ILE A 149 10.92 4.40 16.83
C ILE A 149 11.73 3.08 16.60
N ALA A 150 13.00 3.23 16.25
CA ALA A 150 13.88 2.09 15.98
C ALA A 150 14.09 1.26 17.28
N LYS A 151 14.30 1.94 18.40
CA LYS A 151 14.50 1.29 19.68
C LYS A 151 13.28 0.43 20.04
N VAL A 152 12.09 0.95 19.79
CA VAL A 152 10.89 0.17 20.04
C VAL A 152 10.91 -1.07 19.14
N GLY A 153 11.35 -0.89 17.91
CA GLY A 153 11.43 -1.99 16.95
C GLY A 153 12.32 -3.11 17.43
N LEU A 154 13.41 -2.70 18.06
CA LEU A 154 14.43 -3.60 18.57
C LEU A 154 13.87 -4.42 19.75
N ASN A 155 13.14 -3.77 20.66
CA ASN A 155 12.49 -4.45 21.75
C ASN A 155 11.44 -5.50 21.33
N PHE A 156 10.65 -5.21 20.32
CA PHE A 156 9.67 -6.18 19.88
C PHE A 156 10.33 -7.35 19.10
N ALA A 157 11.39 -7.01 18.36
CA ALA A 157 12.12 -8.00 17.58
C ALA A 157 12.82 -9.03 18.47
N LEU A 158 13.35 -8.53 19.57
CA LEU A 158 14.17 -9.29 20.49
C LEU A 158 13.35 -10.37 21.19
N ARG A 159 12.03 -10.19 21.29
CA ARG A 159 11.21 -11.19 21.94
C ARG A 159 10.36 -11.91 20.91
N ARG A 160 10.66 -11.70 19.63
CA ARG A 160 10.01 -12.41 18.55
C ARG A 160 11.08 -13.16 17.74
N ARG A 161 11.12 -13.03 16.43
CA ARG A 161 12.13 -13.78 15.64
C ARG A 161 13.43 -13.03 15.30
N LYS A 162 13.80 -12.01 16.08
CA LYS A 162 15.04 -11.22 15.85
C LYS A 162 15.26 -10.71 14.40
N LYS A 163 14.18 -10.36 13.71
CA LYS A 163 14.24 -9.92 12.33
C LYS A 163 13.51 -8.59 12.13
N VAL A 164 14.25 -7.59 11.69
CA VAL A 164 13.67 -6.27 11.40
C VAL A 164 13.90 -5.82 9.97
N THR A 165 12.89 -5.18 9.42
CA THR A 165 12.97 -4.62 8.09
C THR A 165 12.59 -3.16 8.13
N CYS A 166 13.53 -2.27 7.82
CA CYS A 166 13.22 -0.84 7.78
C CYS A 166 12.63 -0.57 6.42
N VAL A 167 11.38 -0.12 6.38
CA VAL A 167 10.75 0.22 5.10
C VAL A 167 10.73 1.72 4.81
N HIS A 168 11.15 2.10 3.62
CA HIS A 168 11.21 3.49 3.21
C HIS A 168 11.21 3.65 1.68
N LYS A 169 11.62 4.85 1.24
CA LYS A 169 11.72 5.17 -0.17
C LYS A 169 12.89 6.14 -0.39
N ALA A 170 14.06 5.79 0.16
CA ALA A 170 15.23 6.67 0.10
C ALA A 170 15.91 6.78 -1.26
N ASN A 171 15.42 6.02 -2.22
CA ASN A 171 16.04 6.05 -3.54
C ASN A 171 15.56 7.28 -4.29
N VAL A 172 14.41 7.80 -3.88
CA VAL A 172 13.81 8.96 -4.50
C VAL A 172 13.94 10.14 -3.56
N MET A 173 13.65 9.91 -2.30
CA MET A 173 13.76 10.97 -1.31
C MET A 173 15.07 10.83 -0.52
N ARG A 174 16.20 11.06 -1.21
CA ARG A 174 17.53 10.89 -0.63
C ARG A 174 17.67 11.52 0.77
N ILE A 175 17.25 12.76 0.93
CA ILE A 175 17.44 13.46 2.21
C ILE A 175 16.51 13.02 3.34
N THR A 176 15.17 13.18 3.20
CA THR A 176 14.20 12.76 4.26
C THR A 176 14.26 11.29 4.65
N ASP A 177 13.99 10.39 3.71
CA ASP A 177 14.00 8.98 4.05
C ASP A 177 15.38 8.47 4.27
N GLY A 178 16.35 9.11 3.61
CA GLY A 178 17.76 8.75 3.73
C GLY A 178 18.18 8.98 5.16
N LEU A 179 17.68 10.05 5.76
CA LEU A 179 17.95 10.31 7.17
C LEU A 179 17.25 9.27 8.04
N PHE A 180 16.00 8.94 7.73
CA PHE A 180 15.27 7.92 8.49
C PHE A 180 15.97 6.57 8.42
N ALA A 181 16.43 6.16 7.24
CA ALA A 181 17.11 4.90 7.07
C ALA A 181 18.47 4.90 7.77
N GLU A 182 19.09 6.06 7.95
CA GLU A 182 20.40 6.12 8.62
C GLU A 182 20.26 5.90 10.11
N ALA A 183 19.34 6.63 10.71
CA ALA A 183 18.95 6.43 12.09
C ALA A 183 18.39 5.02 12.37
N CYS A 184 17.89 4.34 11.36
CA CYS A 184 17.34 3.00 11.57
C CYS A 184 18.58 2.14 11.83
N ARG A 185 19.60 2.29 10.98
CA ARG A 185 20.84 1.53 10.98
C ARG A 185 21.69 1.69 12.25
N SER A 186 21.81 2.92 12.74
CA SER A 186 22.53 3.19 13.98
C SER A 186 22.05 2.34 15.13
N VAL A 187 20.79 1.96 15.14
CA VAL A 187 20.27 1.22 16.25
C VAL A 187 20.17 -0.27 15.97
N LEU A 188 19.61 -0.64 14.83
CA LEU A 188 19.29 -2.02 14.54
C LEU A 188 20.49 -2.81 14.05
N LYS A 189 21.29 -2.23 13.16
CA LYS A 189 22.36 -2.97 12.51
C LYS A 189 23.25 -3.60 13.55
N GLY A 190 23.62 -4.89 13.36
CA GLY A 190 24.50 -5.60 14.29
C GLY A 190 23.87 -6.16 15.56
N LYS A 191 22.58 -5.95 15.77
CA LYS A 191 21.90 -6.49 16.95
C LYS A 191 20.77 -7.43 16.58
N VAL A 192 20.28 -7.30 15.35
CA VAL A 192 19.23 -8.16 14.86
C VAL A 192 19.51 -8.39 13.43
N GLU A 193 18.78 -9.31 12.82
CA GLU A 193 18.84 -9.51 11.36
C GLU A 193 18.22 -8.27 10.66
N TYR A 194 19.02 -7.46 9.99
CA TYR A 194 18.56 -6.20 9.42
C TYR A 194 18.51 -6.22 7.93
N SER A 195 17.49 -5.58 7.37
CA SER A 195 17.40 -5.38 5.93
C SER A 195 16.53 -4.17 5.62
N GLU A 196 16.68 -3.64 4.40
CA GLU A 196 15.87 -2.53 3.91
C GLU A 196 15.07 -2.85 2.67
N MET A 197 13.83 -2.36 2.64
CA MET A 197 12.94 -2.61 1.53
C MET A 197 12.29 -1.31 1.15
N TYR A 198 11.98 -1.17 -0.13
CA TYR A 198 11.32 0.04 -0.61
C TYR A 198 9.83 -0.19 -0.39
N VAL A 199 9.14 0.91 -0.05
CA VAL A 199 7.72 0.89 0.29
C VAL A 199 6.83 0.21 -0.79
N ASP A 200 7.03 0.54 -2.06
CA ASP A 200 6.26 -0.11 -3.09
C ASP A 200 6.52 -1.63 -3.15
N ALA A 201 7.76 -2.03 -2.92
CA ALA A 201 8.09 -3.46 -2.96
C ALA A 201 7.44 -4.20 -1.80
N ALA A 202 7.51 -3.63 -0.62
CA ALA A 202 6.87 -4.17 0.53
C ALA A 202 5.36 -4.31 0.37
N ALA A 203 4.74 -3.40 -0.34
CA ALA A 203 3.31 -3.49 -0.59
C ALA A 203 2.97 -4.72 -1.46
N ALA A 204 3.86 -5.00 -2.40
CA ALA A 204 3.75 -6.15 -3.29
C ALA A 204 4.17 -7.44 -2.58
N ASN A 205 5.24 -7.37 -1.79
CA ASN A 205 5.72 -8.52 -1.04
C ASN A 205 4.75 -9.05 0.05
N LEU A 206 4.02 -8.15 0.67
CA LEU A 206 3.00 -8.56 1.63
C LEU A 206 1.97 -9.51 0.98
N VAL A 207 1.74 -9.35 -0.32
CA VAL A 207 0.78 -10.17 -1.02
C VAL A 207 1.41 -11.45 -1.49
N ARG A 208 2.65 -11.37 -1.97
CA ARG A 208 3.37 -12.52 -2.56
C ARG A 208 3.75 -13.51 -1.46
N ASN A 209 4.42 -13.05 -0.43
CA ASN A 209 4.69 -13.84 0.75
C ASN A 209 5.00 -13.02 1.97
N PRO A 210 3.94 -12.75 2.72
CA PRO A 210 4.05 -12.03 3.99
C PRO A 210 4.76 -12.77 5.12
N GLN A 211 5.05 -14.04 4.95
CA GLN A 211 5.72 -14.78 6.00
C GLN A 211 7.19 -14.43 6.05
N MET A 212 7.64 -13.64 5.09
CA MET A 212 9.05 -13.27 5.03
C MET A 212 9.32 -12.17 6.06
N PHE A 213 8.26 -11.54 6.56
CA PHE A 213 8.40 -10.45 7.52
C PHE A 213 8.15 -10.91 8.96
N ASP A 214 8.87 -10.28 9.88
CA ASP A 214 8.67 -10.39 11.33
C ASP A 214 8.25 -8.99 11.83
N VAL A 215 9.23 -8.15 12.10
CA VAL A 215 8.96 -6.77 12.49
C VAL A 215 9.32 -5.80 11.35
N ILE A 216 8.50 -4.76 11.23
CA ILE A 216 8.67 -3.74 10.21
C ILE A 216 8.74 -2.40 10.94
N VAL A 217 9.77 -1.61 10.69
CA VAL A 217 9.84 -0.27 11.22
C VAL A 217 9.72 0.69 10.07
N THR A 218 8.75 1.58 10.15
CA THR A 218 8.57 2.54 9.09
C THR A 218 8.04 3.88 9.61
N GLU A 219 7.85 4.81 8.68
CA GLU A 219 7.43 6.19 9.00
C GLU A 219 5.91 6.29 9.11
N ASN A 220 5.43 7.41 9.64
CA ASN A 220 4.00 7.72 9.81
C ASN A 220 3.09 7.34 8.63
N VAL A 221 3.37 7.87 7.43
CA VAL A 221 2.50 7.64 6.29
C VAL A 221 2.61 6.22 5.75
N TYR A 222 3.80 5.81 5.35
CA TYR A 222 4.00 4.50 4.79
C TYR A 222 3.36 3.46 5.71
N GLY A 223 3.47 3.72 7.00
CA GLY A 223 2.93 2.81 8.00
C GLY A 223 1.42 2.82 8.10
N ASP A 224 0.81 3.92 7.72
CA ASP A 224 -0.63 4.07 7.80
C ASP A 224 -1.21 3.15 6.77
N ILE A 225 -0.59 3.14 5.62
CA ILE A 225 -1.04 2.32 4.51
C ILE A 225 -0.73 0.84 4.69
N LEU A 226 0.54 0.51 4.91
CA LEU A 226 0.97 -0.90 5.08
C LEU A 226 0.28 -1.62 6.20
N SER A 227 -0.01 -0.93 7.29
CA SER A 227 -0.73 -1.55 8.42
C SER A 227 -2.07 -2.18 8.00
N ASP A 228 -2.93 -1.37 7.38
CA ASP A 228 -4.24 -1.81 6.95
C ASP A 228 -4.18 -2.97 5.97
N GLU A 229 -3.25 -2.90 5.05
CA GLU A 229 -3.06 -3.95 4.06
C GLU A 229 -2.73 -5.21 4.80
N ALA A 230 -1.77 -5.13 5.72
CA ALA A 230 -1.29 -6.28 6.48
C ALA A 230 -2.38 -6.96 7.29
N SER A 231 -3.20 -6.15 7.97
CA SER A 231 -4.32 -6.66 8.77
C SER A 231 -5.35 -7.41 7.92
N GLN A 232 -5.68 -6.84 6.76
CA GLN A 232 -6.66 -7.43 5.87
C GLN A 232 -6.12 -8.79 5.34
N ILE A 233 -4.81 -8.89 5.07
CA ILE A 233 -4.26 -10.14 4.59
C ILE A 233 -4.37 -11.22 5.67
N ALA A 234 -3.97 -10.86 6.88
CA ALA A 234 -4.03 -11.73 8.05
C ALA A 234 -5.43 -12.23 8.31
N GLY A 235 -6.43 -11.55 7.75
CA GLY A 235 -7.77 -12.02 7.88
C GLY A 235 -8.82 -10.95 7.74
N SER A 236 -8.87 -10.03 8.70
CA SER A 236 -9.91 -9.02 8.70
C SER A 236 -9.52 -7.73 9.38
N LEU A 237 -9.95 -6.61 8.80
CA LEU A 237 -9.61 -5.31 9.34
C LEU A 237 -10.46 -5.04 10.61
N GLY A 238 -11.64 -5.67 10.69
CA GLY A 238 -12.55 -5.48 11.81
C GLY A 238 -12.16 -6.28 13.03
N ILE A 239 -11.07 -7.03 12.92
CA ILE A 239 -10.55 -7.89 14.01
C ILE A 239 -9.21 -7.33 14.51
N ALA A 240 -8.78 -6.23 13.92
CA ALA A 240 -7.44 -5.72 14.17
C ALA A 240 -7.29 -4.87 15.45
N PRO A 241 -6.32 -5.24 16.28
CA PRO A 241 -5.99 -4.51 17.49
C PRO A 241 -5.02 -3.40 17.18
N SER A 242 -4.95 -2.40 18.04
CA SER A 242 -4.04 -1.31 17.87
C SER A 242 -3.52 -0.75 19.22
N ALA A 243 -2.32 -0.18 19.20
CA ALA A 243 -1.73 0.46 20.39
C ALA A 243 -0.91 1.70 20.09
N ASN A 244 -0.85 2.58 21.05
CA ASN A 244 -0.05 3.76 20.96
C ASN A 244 0.75 3.78 22.26
N ILE A 245 2.02 3.43 22.18
CA ILE A 245 2.91 3.35 23.34
C ILE A 245 3.82 4.56 23.50
N GLY A 246 3.88 5.11 24.71
CA GLY A 246 4.81 6.17 25.05
C GLY A 246 5.73 5.69 26.17
N ASP A 247 6.63 6.54 26.64
CA ASP A 247 7.55 6.18 27.75
C ASP A 247 6.82 5.97 29.09
N LYS A 248 5.92 6.87 29.44
CA LYS A 248 5.20 6.76 30.71
C LYS A 248 3.70 6.45 30.60
N LYS A 249 3.15 6.49 29.39
CA LYS A 249 1.73 6.20 29.21
C LYS A 249 1.45 5.45 27.90
N ALA A 250 0.58 4.46 27.93
CA ALA A 250 0.18 3.74 26.72
C ALA A 250 -1.33 3.75 26.50
N LEU A 251 -1.76 3.55 25.26
CA LEU A 251 -3.18 3.48 24.90
C LEU A 251 -3.46 2.25 24.00
N PHE A 252 -4.45 1.45 24.37
CA PHE A 252 -4.87 0.28 23.62
C PHE A 252 -6.33 0.39 23.16
N GLU A 253 -6.57 0.10 21.88
CA GLU A 253 -7.89 0.24 21.28
C GLU A 253 -8.07 -0.64 20.05
N PRO A 254 -9.30 -0.83 19.60
CA PRO A 254 -9.54 -1.55 18.36
C PRO A 254 -9.41 -0.57 17.22
N VAL A 255 -9.15 -1.06 16.02
CA VAL A 255 -9.04 -0.22 14.85
C VAL A 255 -10.41 0.20 14.32
N HIS A 256 -11.41 -0.65 14.49
CA HIS A 256 -12.72 -0.43 13.92
C HIS A 256 -13.42 0.73 14.56
N GLY A 257 -14.31 1.37 13.80
CA GLY A 257 -15.05 2.54 14.29
C GLY A 257 -16.21 2.15 15.19
N ALA A 258 -17.05 3.13 15.52
CA ALA A 258 -18.18 2.96 16.43
C ALA A 258 -19.29 2.05 15.89
N ALA A 259 -19.41 1.95 14.57
CA ALA A 259 -20.40 1.07 13.91
C ALA A 259 -21.84 1.26 14.43
N PHE A 260 -22.40 2.44 14.14
CA PHE A 260 -23.75 2.79 14.55
C PHE A 260 -24.85 1.97 13.87
N ASP A 261 -24.58 1.42 12.70
CA ASP A 261 -25.61 0.66 12.00
C ASP A 261 -25.98 -0.62 12.74
N ILE A 262 -25.04 -1.21 13.48
CA ILE A 262 -25.29 -2.49 14.16
C ILE A 262 -25.39 -2.33 15.65
N ALA A 263 -25.16 -1.10 16.14
CA ALA A 263 -25.22 -0.82 17.57
C ALA A 263 -26.58 -1.20 18.15
N GLY A 264 -26.55 -1.93 19.25
CA GLY A 264 -27.73 -2.35 19.98
C GLY A 264 -28.32 -3.69 19.57
N LYS A 265 -27.87 -4.20 18.42
CA LYS A 265 -28.33 -5.50 17.90
C LYS A 265 -27.59 -6.70 18.56
N ASN A 266 -26.74 -6.40 19.52
CA ASN A 266 -25.99 -7.42 20.24
C ASN A 266 -25.18 -8.42 19.35
N ILE A 267 -24.55 -7.89 18.30
CA ILE A 267 -23.77 -8.70 17.37
C ILE A 267 -22.38 -8.14 17.03
N GLY A 268 -21.99 -7.04 17.68
CA GLY A 268 -20.66 -6.50 17.47
C GLY A 268 -19.59 -7.48 17.92
N ASN A 269 -18.50 -7.57 17.17
CA ASN A 269 -17.40 -8.53 17.50
C ASN A 269 -16.37 -7.98 18.50
N PRO A 270 -16.32 -8.57 19.71
CA PRO A 270 -15.37 -8.09 20.73
C PRO A 270 -13.92 -8.48 20.55
N THR A 271 -13.57 -9.15 19.45
CA THR A 271 -12.24 -9.73 19.26
C THR A 271 -11.12 -8.67 19.18
N ALA A 272 -11.32 -7.64 18.38
CA ALA A 272 -10.34 -6.56 18.28
C ALA A 272 -10.01 -5.96 19.65
N PHE A 273 -11.06 -5.63 20.40
CA PHE A 273 -10.90 -5.08 21.76
C PHE A 273 -10.06 -6.03 22.66
N LEU A 274 -10.41 -7.30 22.66
CA LEU A 274 -9.81 -8.28 23.53
C LEU A 274 -8.34 -8.54 23.17
N LEU A 275 -7.98 -8.44 21.89
CA LEU A 275 -6.60 -8.60 21.50
C LEU A 275 -5.79 -7.36 21.88
N SER A 276 -6.44 -6.21 21.99
CA SER A 276 -5.71 -5.03 22.41
C SER A 276 -5.40 -5.14 23.91
N VAL A 277 -6.21 -5.91 24.63
CA VAL A 277 -6.02 -6.14 26.06
C VAL A 277 -4.84 -7.08 26.27
N SER A 278 -4.68 -7.98 25.32
CA SER A 278 -3.57 -8.91 25.30
C SER A 278 -2.24 -8.19 25.14
N MET A 279 -2.26 -7.08 24.39
CA MET A 279 -1.07 -6.26 24.14
C MET A 279 -0.82 -5.46 25.40
N MET A 280 -1.89 -4.91 25.97
CA MET A 280 -1.84 -4.17 27.21
C MET A 280 -1.15 -4.98 28.30
N TYR A 281 -1.44 -6.27 28.38
CA TYR A 281 -0.78 -7.13 29.35
C TYR A 281 0.71 -7.22 29.06
N GLU A 282 1.05 -7.40 27.78
CA GLU A 282 2.43 -7.45 27.32
C GLU A 282 3.17 -6.17 27.70
N ARG A 283 2.47 -5.05 27.76
CA ARG A 283 3.09 -3.77 28.08
C ARG A 283 3.35 -3.65 29.57
N MET A 284 2.56 -4.40 30.34
CA MET A 284 2.75 -4.48 31.79
C MET A 284 3.91 -5.43 32.17
N TYR A 285 4.36 -6.22 31.21
CA TYR A 285 5.49 -7.07 31.41
C TYR A 285 6.80 -6.32 31.08
N GLU A 286 6.78 -5.32 30.19
CA GLU A 286 7.96 -4.49 29.88
C GLU A 286 8.19 -3.45 30.99
N LEU A 287 7.14 -3.14 31.76
CA LEU A 287 7.20 -2.05 32.73
C LEU A 287 7.39 -2.57 34.13
N SER A 288 7.25 -3.88 34.27
CA SER A 288 7.27 -4.53 35.54
C SER A 288 8.26 -5.67 35.56
N ASN A 289 8.47 -6.26 34.39
CA ASN A 289 9.31 -7.43 34.26
C ASN A 289 8.74 -8.62 35.06
N ASP A 290 7.58 -8.43 35.67
CA ASP A 290 6.91 -9.51 36.38
C ASP A 290 6.19 -10.38 35.35
N ASP A 291 6.68 -11.61 35.08
CA ASP A 291 6.09 -12.46 34.01
C ASP A 291 4.65 -12.91 34.29
N ARG A 292 4.11 -12.38 35.38
CA ARG A 292 2.74 -12.67 35.73
C ARG A 292 1.76 -12.21 34.63
N TYR A 293 2.08 -11.08 34.01
CA TYR A 293 1.23 -10.46 33.02
C TYR A 293 1.44 -11.12 31.65
N ILE A 294 2.66 -11.55 31.36
CA ILE A 294 2.92 -12.26 30.12
C ILE A 294 2.08 -13.57 30.08
N LYS A 295 1.90 -14.22 31.21
CA LYS A 295 1.16 -15.46 31.26
C LYS A 295 -0.29 -15.20 30.88
N ALA A 296 -0.83 -14.09 31.40
CA ALA A 296 -2.22 -13.68 31.12
C ALA A 296 -2.47 -13.30 29.66
N SER A 297 -1.45 -12.75 29.01
CA SER A 297 -1.52 -12.40 27.61
C SER A 297 -1.58 -13.65 26.73
N ARG A 298 -0.71 -14.63 26.98
CA ARG A 298 -0.68 -15.84 26.16
C ARG A 298 -1.95 -16.60 26.35
N ALA A 299 -2.51 -16.54 27.57
CA ALA A 299 -3.70 -17.33 27.92
C ALA A 299 -4.95 -16.77 27.25
N LEU A 300 -5.00 -15.44 27.14
CA LEU A 300 -6.13 -14.77 26.53
C LEU A 300 -6.07 -14.91 25.02
N GLU A 301 -4.86 -14.83 24.47
CA GLU A 301 -4.65 -14.96 23.02
C GLU A 301 -4.94 -16.38 22.53
N ASN A 302 -4.63 -17.41 23.32
CA ASN A 302 -4.93 -18.80 22.92
C ASN A 302 -6.40 -19.17 23.11
N ALA A 303 -7.05 -18.52 24.06
CA ALA A 303 -8.48 -18.69 24.26
C ALA A 303 -9.22 -18.22 23.00
N ILE A 304 -8.78 -17.07 22.46
CA ILE A 304 -9.39 -16.48 21.26
C ILE A 304 -9.17 -17.37 20.05
N TYR A 305 -7.96 -17.87 19.85
CA TYR A 305 -7.66 -18.73 18.67
C TYR A 305 -8.41 -20.06 18.71
N LEU A 306 -8.67 -20.55 19.90
CA LEU A 306 -9.41 -21.80 20.07
C LEU A 306 -10.87 -21.66 19.66
N VAL A 307 -11.51 -20.51 19.93
CA VAL A 307 -12.92 -20.34 19.61
C VAL A 307 -13.07 -20.17 18.11
N TYR A 308 -12.08 -19.54 17.50
CA TYR A 308 -12.09 -19.31 16.06
C TYR A 308 -11.84 -20.61 15.30
N LYS A 309 -11.14 -21.55 15.90
CA LYS A 309 -10.82 -22.79 15.22
C LYS A 309 -11.97 -23.78 15.25
N GLU A 310 -12.85 -23.62 16.25
CA GLU A 310 -13.96 -24.53 16.44
C GLU A 310 -15.16 -24.10 15.65
N ARG A 311 -15.32 -22.79 15.50
CA ARG A 311 -16.37 -22.19 14.66
C ARG A 311 -17.78 -22.35 15.21
N LYS A 312 -17.91 -22.63 16.49
CA LYS A 312 -19.24 -22.86 17.08
C LYS A 312 -19.96 -21.60 17.60
N ALA A 313 -19.22 -20.54 17.93
CA ALA A 313 -19.86 -19.32 18.42
C ALA A 313 -19.24 -18.02 17.92
N LEU A 314 -19.29 -17.77 16.63
CA LEU A 314 -18.71 -16.56 16.08
C LEU A 314 -19.81 -15.60 15.71
N THR A 315 -19.48 -14.32 15.61
CA THR A 315 -20.42 -13.30 15.24
C THR A 315 -20.60 -13.17 13.71
N PRO A 316 -21.69 -12.55 13.30
CA PRO A 316 -22.02 -12.42 11.89
C PRO A 316 -20.91 -11.88 11.00
N ASP A 317 -20.06 -11.04 11.55
CA ASP A 317 -19.04 -10.38 10.74
C ASP A 317 -18.05 -11.34 10.18
N VAL A 318 -17.86 -12.46 10.84
CA VAL A 318 -16.93 -13.49 10.38
C VAL A 318 -17.62 -14.82 10.01
N GLY A 319 -18.90 -14.74 9.61
CA GLY A 319 -19.65 -15.91 9.17
C GLY A 319 -20.37 -16.75 10.21
N GLY A 320 -20.38 -16.32 11.46
CA GLY A 320 -21.16 -17.02 12.47
C GLY A 320 -22.61 -16.53 12.62
N ASN A 321 -23.32 -17.03 13.62
CA ASN A 321 -24.68 -16.55 13.90
C ASN A 321 -24.94 -16.38 15.43
N ALA A 322 -23.85 -16.33 16.19
CA ALA A 322 -23.91 -16.18 17.62
C ALA A 322 -23.80 -14.71 17.98
N THR A 323 -24.17 -14.40 19.20
CA THR A 323 -24.18 -13.02 19.62
C THR A 323 -22.85 -12.66 20.24
N THR A 324 -22.71 -11.39 20.60
CA THR A 324 -21.54 -10.94 21.34
C THR A 324 -21.45 -11.64 22.69
N ASP A 325 -22.60 -11.92 23.31
CA ASP A 325 -22.64 -12.62 24.60
C ASP A 325 -22.12 -14.05 24.51
N ASP A 326 -22.54 -14.76 23.44
CA ASP A 326 -22.15 -16.16 23.24
C ASP A 326 -20.66 -16.31 23.00
N LEU A 327 -20.10 -15.36 22.24
CA LEU A 327 -18.66 -15.32 21.93
C LEU A 327 -17.85 -15.07 23.19
N ILE A 328 -18.27 -14.11 24.00
CA ILE A 328 -17.58 -13.84 25.23
C ILE A 328 -17.64 -15.04 26.17
N ASN A 329 -18.77 -15.75 26.20
CA ASN A 329 -18.92 -16.93 27.05
C ASN A 329 -17.95 -18.01 26.64
N GLU A 330 -17.76 -18.20 25.34
CA GLU A 330 -16.85 -19.24 24.88
C GLU A 330 -15.41 -18.95 25.26
N ILE A 331 -15.06 -17.68 25.30
CA ILE A 331 -13.73 -17.28 25.70
C ILE A 331 -13.55 -17.38 27.24
N TYR A 332 -14.64 -17.16 27.95
CA TYR A 332 -14.70 -17.23 29.41
C TYR A 332 -14.60 -18.68 29.91
N ASN A 333 -15.01 -19.64 29.09
CA ASN A 333 -14.97 -21.04 29.46
C ASN A 333 -13.62 -21.64 29.17
N LYS A 334 -12.99 -21.21 28.08
CA LYS A 334 -11.68 -21.70 27.72
C LYS A 334 -10.59 -20.90 28.43
N LEU A 335 -10.98 -20.01 29.33
CA LEU A 335 -9.97 -19.25 30.06
C LEU A 335 -9.42 -20.05 31.25
N GLY A 336 -10.29 -20.83 31.88
CA GLY A 336 -9.93 -21.60 33.05
C GLY A 336 -11.01 -21.42 34.10
N GLY B 1 0.73 9.22 -39.72
CA GLY B 1 1.58 8.06 -39.30
C GLY B 1 2.27 8.32 -37.97
N PHE B 2 3.06 7.35 -37.50
CA PHE B 2 3.75 7.49 -36.22
C PHE B 2 5.18 6.98 -36.37
N THR B 3 6.10 7.66 -35.73
CA THR B 3 7.48 7.21 -35.71
C THR B 3 7.83 6.79 -34.26
N VAL B 4 8.46 5.62 -34.14
CA VAL B 4 8.74 5.01 -32.84
C VAL B 4 10.23 4.78 -32.68
N ALA B 5 10.77 5.32 -31.59
CA ALA B 5 12.13 5.03 -31.16
C ALA B 5 12.15 3.69 -30.38
N LEU B 6 12.74 2.65 -30.98
CA LEU B 6 12.82 1.33 -30.36
C LEU B 6 14.15 1.13 -29.63
N ILE B 7 14.11 0.75 -28.34
CA ILE B 7 15.31 0.57 -27.56
C ILE B 7 15.37 -0.82 -27.02
N GLN B 8 16.34 -1.59 -27.46
CA GLN B 8 16.49 -2.96 -26.99
C GLN B 8 16.86 -3.05 -25.50
N GLY B 9 17.76 -2.17 -25.04
CA GLY B 9 18.23 -2.12 -23.65
C GLY B 9 19.25 -3.20 -23.28
N ASP B 10 19.26 -3.60 -22.02
CA ASP B 10 20.23 -4.60 -21.54
C ASP B 10 19.62 -5.88 -20.98
N GLY B 11 20.49 -6.73 -20.43
CA GLY B 11 20.09 -8.04 -19.94
C GLY B 11 19.26 -8.85 -20.92
N ILE B 12 18.02 -9.12 -20.56
CA ILE B 12 17.11 -9.85 -21.44
C ILE B 12 16.43 -8.97 -22.46
N GLY B 13 16.77 -7.68 -22.45
CA GLY B 13 16.17 -6.73 -23.34
C GLY B 13 16.36 -7.10 -24.78
N PRO B 14 17.61 -7.26 -25.23
CA PRO B 14 17.95 -7.67 -26.60
C PRO B 14 17.26 -8.92 -27.11
N GLU B 15 17.10 -9.91 -26.27
CA GLU B 15 16.45 -11.14 -26.68
C GLU B 15 14.94 -10.90 -26.89
N ILE B 16 14.29 -10.43 -25.84
CA ILE B 16 12.86 -10.09 -25.85
C ILE B 16 12.47 -9.19 -27.05
N VAL B 17 13.11 -8.03 -27.17
CA VAL B 17 12.78 -7.04 -28.19
C VAL B 17 13.09 -7.52 -29.60
N SER B 18 14.29 -7.98 -29.86
CA SER B 18 14.64 -8.40 -31.22
C SER B 18 13.72 -9.53 -31.74
N LYS B 19 13.33 -10.43 -30.86
CA LYS B 19 12.47 -11.52 -31.26
C LYS B 19 11.03 -11.07 -31.44
N SER B 20 10.68 -9.92 -30.89
CA SER B 20 9.31 -9.42 -30.97
C SER B 20 9.07 -8.58 -32.23
N LYS B 21 10.11 -8.35 -33.01
CA LYS B 21 9.98 -7.54 -34.21
C LYS B 21 9.13 -8.27 -35.21
N ARG B 22 9.22 -9.60 -35.20
CA ARG B 22 8.43 -10.44 -36.09
C ARG B 22 6.97 -10.07 -35.88
N ILE B 23 6.58 -10.00 -34.61
CA ILE B 23 5.22 -9.65 -34.22
C ILE B 23 4.84 -8.21 -34.58
N LEU B 24 5.70 -7.27 -34.25
CA LEU B 24 5.49 -5.87 -34.60
C LEU B 24 5.33 -5.62 -36.12
N ALA B 25 5.91 -6.49 -36.92
CA ALA B 25 5.93 -6.36 -38.37
C ALA B 25 4.68 -6.96 -38.94
N LYS B 26 4.30 -8.15 -38.45
CA LYS B 26 3.09 -8.84 -38.89
C LYS B 26 1.83 -8.02 -38.65
N ILE B 27 1.82 -7.16 -37.64
CA ILE B 27 0.63 -6.41 -37.30
C ILE B 27 0.52 -5.20 -38.18
N ASN B 28 1.68 -4.67 -38.58
CA ASN B 28 1.72 -3.47 -39.37
C ASN B 28 1.16 -3.77 -40.74
N GLU B 29 1.25 -5.03 -41.17
CA GLU B 29 0.77 -5.39 -42.48
C GLU B 29 -0.57 -6.06 -42.40
N LEU B 30 -0.92 -6.53 -41.24
CA LEU B 30 -2.21 -7.17 -41.08
C LEU B 30 -3.31 -6.13 -40.84
N TYR B 31 -2.95 -5.00 -40.24
CA TYR B 31 -3.91 -3.96 -39.96
C TYR B 31 -3.52 -2.66 -40.67
N SER B 32 -2.61 -2.75 -41.63
CA SER B 32 -2.17 -1.59 -42.43
C SER B 32 -1.85 -0.39 -41.56
N LEU B 33 -0.91 -0.60 -40.65
CA LEU B 33 -0.52 0.42 -39.69
C LEU B 33 0.70 1.18 -40.18
N PRO B 34 0.58 2.49 -40.34
CA PRO B 34 1.71 3.31 -40.77
C PRO B 34 2.62 3.63 -39.60
N ILE B 35 3.38 2.64 -39.14
CA ILE B 35 4.30 2.86 -38.04
C ILE B 35 5.67 2.53 -38.52
N GLU B 36 6.57 3.48 -38.30
CA GLU B 36 7.97 3.37 -38.69
C GLU B 36 8.74 3.12 -37.40
N TYR B 37 9.50 2.02 -37.33
CA TYR B 37 10.32 1.70 -36.14
C TYR B 37 11.78 2.00 -36.43
N ILE B 38 12.37 2.88 -35.66
CA ILE B 38 13.77 3.21 -35.87
C ILE B 38 14.55 2.97 -34.56
N GLU B 39 15.28 1.86 -34.49
CA GLU B 39 15.94 1.50 -33.24
C GLU B 39 17.10 2.39 -32.89
N VAL B 40 17.19 2.78 -31.61
CA VAL B 40 18.34 3.49 -31.03
C VAL B 40 19.02 2.70 -29.87
N GLU B 41 20.27 3.02 -29.62
CA GLU B 41 21.03 2.33 -28.60
C GLU B 41 20.95 3.13 -27.31
N ALA B 42 20.72 2.43 -26.20
CA ALA B 42 20.75 3.06 -24.87
C ALA B 42 20.86 2.03 -23.75
N GLY B 43 21.55 2.38 -22.66
CA GLY B 43 21.70 1.47 -21.53
C GLY B 43 23.15 1.24 -21.21
N ASP B 44 23.42 0.18 -20.45
CA ASP B 44 24.76 -0.14 -20.02
C ASP B 44 25.70 -0.50 -21.16
N ARG B 45 25.15 -1.15 -22.17
CA ARG B 45 25.91 -1.63 -23.30
C ARG B 45 26.40 -0.44 -24.15
N ALA B 46 25.60 0.63 -24.15
CA ALA B 46 25.90 1.87 -24.86
C ALA B 46 26.88 2.71 -24.07
N LEU B 47 26.91 2.54 -22.76
CA LEU B 47 27.88 3.24 -21.94
C LEU B 47 29.28 2.66 -22.16
N ALA B 48 29.39 1.41 -22.59
CA ALA B 48 30.69 0.74 -22.80
C ALA B 48 31.18 0.77 -24.27
N ARG B 49 30.23 0.92 -25.21
CA ARG B 49 30.53 1.02 -26.64
C ARG B 49 30.90 2.47 -26.96
N TYR B 50 30.04 3.39 -26.55
CA TYR B 50 30.25 4.82 -26.72
C TYR B 50 30.62 5.35 -25.37
N GLY B 51 30.31 6.59 -25.07
CA GLY B 51 30.78 7.13 -23.82
C GLY B 51 29.69 7.47 -22.84
N GLU B 52 28.48 7.61 -23.35
CA GLU B 52 27.34 8.02 -22.55
C GLU B 52 26.32 6.87 -22.59
N ALA B 53 25.51 6.79 -21.53
CA ALA B 53 24.39 5.86 -21.47
C ALA B 53 23.30 6.25 -22.49
N LEU B 54 23.15 7.56 -22.74
CA LEU B 54 22.17 8.06 -23.69
C LEU B 54 22.84 8.98 -24.69
N PRO B 55 23.50 8.39 -25.68
CA PRO B 55 24.24 9.11 -26.75
C PRO B 55 23.48 10.23 -27.47
N LYS B 56 24.22 11.22 -27.96
CA LYS B 56 23.61 12.39 -28.63
C LYS B 56 22.79 11.96 -29.87
N ASP B 57 23.32 10.97 -30.60
CA ASP B 57 22.65 10.44 -31.80
C ASP B 57 21.34 9.75 -31.45
N SER B 58 21.23 9.26 -30.21
CA SER B 58 19.99 8.67 -29.73
C SER B 58 18.92 9.73 -29.40
N LEU B 59 19.32 10.76 -28.63
CA LEU B 59 18.46 11.88 -28.28
C LEU B 59 17.93 12.63 -29.49
N LYS B 60 18.74 12.72 -30.53
CA LYS B 60 18.36 13.36 -31.79
C LYS B 60 17.14 12.67 -32.40
N ILE B 61 17.16 11.32 -32.39
CA ILE B 61 16.11 10.50 -32.99
C ILE B 61 14.83 10.45 -32.14
N ILE B 62 14.99 10.40 -30.83
CA ILE B 62 13.85 10.39 -29.90
C ILE B 62 13.11 11.73 -29.90
N ASP B 63 13.84 12.79 -30.22
CA ASP B 63 13.27 14.12 -30.34
C ASP B 63 12.23 14.18 -31.49
N LYS B 64 12.50 13.54 -32.61
CA LYS B 64 11.57 13.56 -33.76
C LYS B 64 10.48 12.50 -33.66
N ALA B 65 10.72 11.52 -32.78
CA ALA B 65 9.81 10.40 -32.61
C ALA B 65 8.55 10.75 -31.80
N ASP B 66 7.44 10.10 -32.16
CA ASP B 66 6.17 10.28 -31.47
C ASP B 66 6.13 9.46 -30.17
N ILE B 67 6.48 8.19 -30.25
CA ILE B 67 6.36 7.24 -29.16
C ILE B 67 7.72 6.62 -28.84
N ILE B 68 8.02 6.37 -27.57
CA ILE B 68 9.24 5.65 -27.17
C ILE B 68 8.95 4.24 -26.65
N LEU B 69 9.35 3.23 -27.40
CA LEU B 69 9.11 1.84 -27.03
C LEU B 69 10.42 1.28 -26.54
N LYS B 70 10.46 0.77 -25.34
CA LYS B 70 11.75 0.27 -24.82
C LYS B 70 11.68 -1.02 -24.02
N GLY B 71 12.78 -1.76 -24.04
CA GLY B 71 12.91 -2.96 -23.24
C GLY B 71 13.55 -2.50 -21.95
N PRO B 72 13.89 -3.42 -21.07
CA PRO B 72 14.47 -3.06 -19.79
C PRO B 72 15.84 -2.49 -19.91
N VAL B 73 16.19 -1.54 -19.06
CA VAL B 73 17.52 -0.92 -19.02
C VAL B 73 18.21 -1.27 -17.71
N GLY B 74 19.53 -1.38 -17.77
CA GLY B 74 20.31 -1.85 -16.65
C GLY B 74 20.50 -0.83 -15.57
N GLU B 75 21.74 -0.70 -15.13
CA GLU B 75 22.09 0.18 -14.01
C GLU B 75 21.80 1.65 -14.28
N SER B 76 21.83 2.06 -15.55
CA SER B 76 21.59 3.47 -16.00
C SER B 76 20.13 3.80 -16.35
N ALA B 77 19.20 3.01 -15.78
CA ALA B 77 17.76 3.16 -16.00
C ALA B 77 17.29 4.49 -15.42
N ALA B 78 17.84 4.83 -14.27
CA ALA B 78 17.37 5.99 -13.54
C ALA B 78 17.84 7.29 -14.21
N ASP B 79 18.77 7.19 -15.14
CA ASP B 79 19.29 8.40 -15.75
C ASP B 79 18.62 8.68 -17.04
N VAL B 80 18.04 7.65 -17.63
CA VAL B 80 17.38 7.78 -18.91
C VAL B 80 15.90 8.05 -18.74
N VAL B 81 15.21 7.09 -18.16
CA VAL B 81 13.76 7.14 -18.09
C VAL B 81 13.35 8.47 -17.47
N VAL B 82 13.96 8.79 -16.32
CA VAL B 82 13.55 9.96 -15.55
C VAL B 82 13.79 11.26 -16.29
N LYS B 83 14.90 11.35 -16.99
CA LYS B 83 15.20 12.57 -17.73
C LYS B 83 14.23 12.79 -18.88
N LEU B 84 13.96 11.73 -19.62
CA LEU B 84 13.09 11.82 -20.79
C LEU B 84 11.69 12.14 -20.36
N ARG B 85 11.32 11.71 -19.16
CA ARG B 85 9.97 11.94 -18.65
C ARG B 85 9.79 13.39 -18.26
N GLN B 86 10.89 14.08 -17.94
CA GLN B 86 10.84 15.47 -17.49
C GLN B 86 10.91 16.52 -18.61
N ILE B 87 11.71 16.23 -19.64
CA ILE B 87 11.86 17.17 -20.72
C ILE B 87 10.74 17.06 -21.75
N TYR B 88 10.10 15.89 -21.85
CA TYR B 88 8.94 15.74 -22.71
C TYR B 88 7.62 15.72 -21.94
N ASP B 89 7.65 16.11 -20.69
CA ASP B 89 6.46 16.25 -19.84
C ASP B 89 5.46 15.13 -20.03
N MET B 90 5.87 13.93 -19.67
CA MET B 90 5.03 12.75 -19.76
C MET B 90 4.41 12.49 -18.41
N TYR B 91 3.37 13.24 -18.07
CA TYR B 91 2.82 13.30 -16.71
C TYR B 91 2.00 12.11 -16.20
N ALA B 92 1.31 11.41 -17.10
CA ALA B 92 0.42 10.32 -16.70
C ALA B 92 1.16 9.01 -16.76
N ASN B 93 1.25 8.34 -15.60
CA ASN B 93 1.82 6.98 -15.48
C ASN B 93 0.69 5.92 -15.36
N ILE B 94 0.45 5.17 -16.43
CA ILE B 94 -0.61 4.19 -16.47
C ILE B 94 -0.10 2.83 -16.04
N ARG B 95 -0.79 2.20 -15.12
CA ARG B 95 -0.38 0.89 -14.63
C ARG B 95 -1.55 -0.04 -14.56
N PRO B 96 -1.82 -0.80 -15.61
CA PRO B 96 -2.93 -1.76 -15.54
C PRO B 96 -2.61 -2.97 -14.67
N ALA B 97 -3.64 -3.49 -14.00
CA ALA B 97 -3.55 -4.72 -13.21
C ALA B 97 -4.69 -5.64 -13.68
N LYS B 98 -4.33 -6.59 -14.52
CA LYS B 98 -5.31 -7.49 -15.13
C LYS B 98 -4.87 -8.93 -15.05
N SER B 99 -5.67 -9.76 -14.41
CA SER B 99 -5.34 -11.18 -14.29
C SER B 99 -5.38 -11.86 -15.62
N ILE B 100 -4.41 -12.72 -15.88
CA ILE B 100 -4.37 -13.54 -17.09
C ILE B 100 -4.74 -15.02 -16.78
N PRO B 101 -5.75 -15.56 -17.46
CA PRO B 101 -6.20 -16.93 -17.19
C PRO B 101 -5.06 -17.83 -17.46
N GLY B 102 -4.55 -18.50 -16.45
CA GLY B 102 -3.42 -19.36 -16.64
C GLY B 102 -2.48 -19.21 -15.49
N ILE B 103 -2.06 -17.98 -15.23
CA ILE B 103 -1.13 -17.73 -14.14
C ILE B 103 -1.93 -17.74 -12.85
N ASP B 104 -1.30 -18.20 -11.75
CA ASP B 104 -1.85 -18.19 -10.37
C ASP B 104 -2.35 -16.79 -9.91
N THR B 105 -3.59 -16.69 -9.46
CA THR B 105 -4.08 -15.37 -9.10
C THR B 105 -4.35 -15.35 -7.60
N LYS B 106 -5.07 -16.39 -7.13
CA LYS B 106 -5.55 -16.48 -5.75
C LYS B 106 -6.39 -15.32 -5.21
N TYR B 107 -6.93 -14.48 -6.09
CA TYR B 107 -7.76 -13.30 -5.71
C TYR B 107 -8.98 -13.11 -6.67
N GLY B 108 -9.08 -14.02 -7.63
CA GLY B 108 -10.12 -13.97 -8.62
C GLY B 108 -9.69 -13.26 -9.87
N ASN B 109 -10.66 -12.73 -10.59
CA ASN B 109 -10.41 -11.99 -11.78
C ASN B 109 -10.40 -10.53 -11.46
N VAL B 110 -9.24 -9.90 -11.60
CA VAL B 110 -9.17 -8.49 -11.41
C VAL B 110 -8.90 -7.77 -12.71
N ASP B 111 -9.50 -6.58 -12.86
CA ASP B 111 -9.28 -5.73 -14.02
C ASP B 111 -9.17 -4.29 -13.54
N ILE B 112 -8.02 -3.92 -13.01
CA ILE B 112 -7.87 -2.62 -12.39
C ILE B 112 -6.99 -1.78 -13.21
N LEU B 113 -7.35 -0.52 -13.36
CA LEU B 113 -6.51 0.43 -14.06
C LEU B 113 -6.11 1.62 -13.14
N ILE B 114 -4.84 1.69 -12.75
CA ILE B 114 -4.33 2.79 -11.90
C ILE B 114 -3.70 3.93 -12.72
N VAL B 115 -4.18 5.15 -12.51
CA VAL B 115 -3.68 6.31 -13.22
C VAL B 115 -3.01 7.18 -12.19
N ARG B 116 -1.71 7.36 -12.35
CA ARG B 116 -0.88 8.01 -11.34
C ARG B 116 -0.31 9.35 -11.82
N GLU B 117 -0.48 10.40 -11.03
CA GLU B 117 0.17 11.67 -11.34
C GLU B 117 1.67 11.43 -11.22
N ASN B 118 2.46 11.83 -12.21
CA ASN B 118 3.90 11.50 -12.18
C ASN B 118 4.86 12.68 -12.37
N THR B 119 4.56 13.83 -11.77
CA THR B 119 5.37 15.04 -11.95
C THR B 119 5.56 15.84 -10.67
N GLU B 120 4.58 15.85 -9.80
CA GLU B 120 4.68 16.60 -8.57
C GLU B 120 4.63 15.72 -7.31
N ASP B 121 3.97 16.20 -6.26
CA ASP B 121 3.95 15.51 -4.97
C ASP B 121 5.34 15.63 -4.27
N LEU B 122 5.80 14.57 -3.61
CA LEU B 122 7.06 14.59 -2.93
C LEU B 122 8.23 14.12 -3.84
N TYR B 123 7.96 13.68 -5.06
CA TYR B 123 8.98 13.05 -5.91
C TYR B 123 9.79 14.03 -6.75
N LYS B 124 9.48 15.30 -6.64
CA LYS B 124 10.32 16.29 -7.34
C LYS B 124 11.56 16.69 -6.59
N GLY B 125 11.77 16.07 -5.43
CA GLY B 125 13.05 16.15 -4.75
C GLY B 125 13.38 17.50 -4.17
N PHE B 126 12.38 18.26 -3.75
CA PHE B 126 12.59 19.53 -3.07
C PHE B 126 12.74 19.35 -1.55
N GLU B 127 13.90 18.86 -1.14
CA GLU B 127 14.16 18.62 0.27
C GLU B 127 15.58 18.96 0.65
N HIS B 128 15.75 19.41 1.89
CA HIS B 128 17.05 19.83 2.44
C HIS B 128 17.20 19.53 3.93
N ILE B 129 18.45 19.52 4.37
CA ILE B 129 18.76 19.35 5.78
C ILE B 129 18.84 20.75 6.37
N VAL B 130 17.88 21.11 7.19
CA VAL B 130 17.74 22.48 7.66
C VAL B 130 18.62 22.78 8.87
N SER B 131 18.74 21.78 9.73
CA SER B 131 19.52 21.87 10.94
C SER B 131 20.12 20.48 11.21
N ASP B 132 20.97 20.36 12.21
CA ASP B 132 21.52 19.07 12.55
C ASP B 132 20.42 18.00 12.82
N GLY B 133 20.45 16.91 12.05
CA GLY B 133 19.48 15.84 12.21
C GLY B 133 18.01 16.23 11.97
N VAL B 134 17.78 17.22 11.12
CA VAL B 134 16.41 17.65 10.82
C VAL B 134 16.25 17.83 9.34
N ALA B 135 15.40 17.03 8.73
CA ALA B 135 15.22 17.09 7.29
C ALA B 135 13.82 17.57 6.93
N VAL B 136 13.71 18.30 5.81
CA VAL B 136 12.45 18.82 5.37
C VAL B 136 12.23 18.54 3.88
N GLY B 137 11.11 17.86 3.57
CA GLY B 137 10.67 17.67 2.20
C GLY B 137 9.44 18.54 1.92
N MET B 138 9.29 18.99 0.69
CA MET B 138 8.12 19.77 0.28
C MET B 138 7.23 18.94 -0.63
N LYS B 139 5.98 18.80 -0.23
CA LYS B 139 4.95 18.14 -1.02
C LYS B 139 4.21 19.23 -1.80
N ILE B 140 4.23 19.17 -3.13
CA ILE B 140 3.54 20.16 -3.96
C ILE B 140 2.35 19.54 -4.70
N ILE B 141 1.16 20.08 -4.43
CA ILE B 141 -0.04 19.70 -5.19
C ILE B 141 -0.66 20.93 -5.90
N THR B 142 -0.79 20.86 -7.20
CA THR B 142 -1.40 21.93 -7.97
C THR B 142 -2.73 21.54 -8.63
N ARG B 143 -3.58 22.53 -8.81
CA ARG B 143 -4.84 22.42 -9.51
C ARG B 143 -4.54 21.95 -10.94
N PHE B 144 -3.51 22.51 -11.56
CA PHE B 144 -3.19 22.21 -12.96
C PHE B 144 -2.87 20.71 -13.19
N ALA B 145 -1.89 20.20 -12.45
CA ALA B 145 -1.44 18.85 -12.62
C ALA B 145 -2.54 17.91 -12.27
N SER B 146 -3.34 18.28 -11.26
CA SER B 146 -4.46 17.45 -10.80
C SER B 146 -5.67 17.32 -11.76
N GLU B 147 -6.04 18.39 -12.46
CA GLU B 147 -7.11 18.32 -13.49
C GLU B 147 -6.63 17.54 -14.68
N ARG B 148 -5.35 17.67 -15.00
CA ARG B 148 -4.79 16.99 -16.14
C ARG B 148 -4.83 15.48 -15.95
N ILE B 149 -4.49 15.02 -14.74
CA ILE B 149 -4.49 13.60 -14.43
C ILE B 149 -5.91 13.05 -14.32
N ALA B 150 -6.84 13.91 -13.94
CA ALA B 150 -8.24 13.51 -13.84
C ALA B 150 -8.80 13.39 -15.24
N LYS B 151 -8.34 14.19 -16.20
CA LYS B 151 -8.88 14.09 -17.55
C LYS B 151 -8.42 12.78 -18.18
N VAL B 152 -7.21 12.37 -17.85
CA VAL B 152 -6.68 11.13 -18.36
C VAL B 152 -7.42 9.98 -17.74
N GLY B 153 -7.80 10.16 -16.50
CA GLY B 153 -8.60 9.16 -15.82
C GLY B 153 -9.97 8.97 -16.45
N LEU B 154 -10.54 10.05 -16.97
CA LEU B 154 -11.84 10.08 -17.59
C LEU B 154 -11.81 9.34 -18.93
N ASN B 155 -10.79 9.60 -19.75
CA ASN B 155 -10.65 8.92 -21.02
C ASN B 155 -10.64 7.40 -20.93
N PHE B 156 -9.85 6.90 -19.98
CA PHE B 156 -9.73 5.46 -19.75
C PHE B 156 -11.00 4.87 -19.16
N ALA B 157 -11.63 5.59 -18.26
CA ALA B 157 -12.85 5.09 -17.66
C ALA B 157 -13.96 4.91 -18.71
N LEU B 158 -14.08 5.90 -19.59
CA LEU B 158 -15.13 5.99 -20.58
C LEU B 158 -15.15 4.83 -21.51
N ARG B 159 -14.01 4.19 -21.72
CA ARG B 159 -13.93 3.07 -22.64
C ARG B 159 -13.67 1.81 -21.86
N ARG B 160 -13.94 1.85 -20.56
CA ARG B 160 -13.90 0.66 -19.73
C ARG B 160 -15.29 0.48 -19.09
N ARG B 161 -15.38 0.47 -17.75
CA ARG B 161 -16.67 0.30 -17.05
C ARG B 161 -17.21 1.60 -16.50
N LYS B 162 -16.72 2.73 -17.00
CA LYS B 162 -17.22 4.04 -16.61
C LYS B 162 -17.32 4.28 -15.09
N LYS B 163 -16.34 3.76 -14.35
CA LYS B 163 -16.27 3.91 -12.90
C LYS B 163 -14.92 4.46 -12.41
N VAL B 164 -14.93 5.57 -11.65
CA VAL B 164 -13.70 6.11 -11.13
C VAL B 164 -13.66 6.27 -9.64
N THR B 165 -12.52 6.06 -9.04
CA THR B 165 -12.29 6.23 -7.61
C THR B 165 -11.06 7.12 -7.34
N CYS B 166 -11.25 8.26 -6.71
CA CYS B 166 -10.15 9.16 -6.40
C CYS B 166 -9.56 8.67 -5.09
N VAL B 167 -8.30 8.26 -5.09
CA VAL B 167 -7.68 7.88 -3.85
C VAL B 167 -6.76 8.98 -3.26
N HIS B 168 -6.98 9.31 -1.99
CA HIS B 168 -6.26 10.39 -1.33
C HIS B 168 -6.28 10.25 0.22
N LYS B 169 -5.89 11.31 0.93
CA LYS B 169 -5.85 11.31 2.38
C LYS B 169 -6.19 12.71 2.92
N ALA B 170 -7.23 13.31 2.35
CA ALA B 170 -7.74 14.63 2.72
C ALA B 170 -8.29 14.71 4.12
N ASN B 171 -8.52 13.57 4.79
CA ASN B 171 -8.98 13.63 6.17
C ASN B 171 -7.88 14.14 7.11
N VAL B 172 -6.62 13.87 6.75
CA VAL B 172 -5.47 14.30 7.54
C VAL B 172 -4.73 15.43 6.85
N MET B 173 -4.57 15.35 5.55
CA MET B 173 -4.00 16.49 4.82
C MET B 173 -5.09 17.34 4.14
N ARG B 174 -5.79 18.15 4.96
CA ARG B 174 -6.90 18.97 4.55
C ARG B 174 -6.59 19.85 3.34
N ILE B 175 -5.41 20.45 3.28
CA ILE B 175 -5.07 21.38 2.22
C ILE B 175 -4.52 20.73 0.94
N THR B 176 -3.44 19.97 1.06
CA THR B 176 -2.81 19.35 -0.11
C THR B 176 -3.73 18.35 -0.84
N ASP B 177 -4.10 17.27 -0.15
CA ASP B 177 -4.93 16.25 -0.77
C ASP B 177 -6.30 16.79 -1.10
N GLY B 178 -6.79 17.69 -0.23
CA GLY B 178 -8.06 18.39 -0.43
C GLY B 178 -8.14 19.13 -1.77
N LEU B 179 -7.03 19.71 -2.18
CA LEU B 179 -7.00 20.40 -3.45
C LEU B 179 -7.04 19.36 -4.56
N PHE B 180 -6.38 18.21 -4.36
CA PHE B 180 -6.33 17.12 -5.34
C PHE B 180 -7.74 16.58 -5.55
N ALA B 181 -8.39 16.25 -4.46
CA ALA B 181 -9.75 15.76 -4.52
C ALA B 181 -10.73 16.74 -5.17
N GLU B 182 -10.56 18.03 -4.94
CA GLU B 182 -11.44 19.04 -5.56
C GLU B 182 -11.29 19.10 -7.07
N ALA B 183 -10.05 18.99 -7.53
CA ALA B 183 -9.76 18.91 -8.95
C ALA B 183 -10.34 17.63 -9.54
N CYS B 184 -10.28 16.56 -8.77
CA CYS B 184 -10.80 15.27 -9.20
C CYS B 184 -12.33 15.41 -9.46
N ARG B 185 -13.07 16.05 -8.54
CA ARG B 185 -14.52 16.27 -8.64
C ARG B 185 -15.00 17.19 -9.79
N SER B 186 -14.39 18.34 -9.96
CA SER B 186 -14.87 19.24 -10.99
C SER B 186 -14.73 18.65 -12.38
N VAL B 187 -13.97 17.58 -12.53
CA VAL B 187 -13.77 16.98 -13.83
C VAL B 187 -14.56 15.72 -13.97
N LEU B 188 -14.62 14.91 -12.92
CA LEU B 188 -15.23 13.61 -13.01
C LEU B 188 -16.70 13.60 -12.59
N LYS B 189 -17.09 14.48 -11.67
CA LYS B 189 -18.44 14.36 -11.11
C LYS B 189 -19.46 14.58 -12.21
N GLY B 190 -20.44 13.70 -12.33
CA GLY B 190 -21.45 13.83 -13.38
C GLY B 190 -21.15 13.08 -14.67
N LYS B 191 -19.89 12.88 -15.01
CA LYS B 191 -19.51 12.23 -16.25
C LYS B 191 -19.28 10.72 -16.09
N VAL B 192 -19.06 10.27 -14.84
CA VAL B 192 -18.84 8.84 -14.56
C VAL B 192 -19.27 8.51 -13.16
N GLU B 193 -19.37 7.23 -12.84
CA GLU B 193 -19.63 6.85 -11.48
C GLU B 193 -18.40 7.27 -10.63
N TYR B 194 -18.56 8.15 -9.66
CA TYR B 194 -17.44 8.73 -8.96
C TYR B 194 -17.54 8.55 -7.48
N SER B 195 -16.47 8.06 -6.89
CA SER B 195 -16.36 7.94 -5.45
C SER B 195 -14.94 8.27 -5.00
N GLU B 196 -14.76 8.51 -3.71
CA GLU B 196 -13.47 8.83 -3.15
C GLU B 196 -13.19 7.87 -2.03
N MET B 197 -11.94 7.47 -1.88
CA MET B 197 -11.56 6.49 -0.87
C MET B 197 -10.23 6.91 -0.28
N TYR B 198 -10.07 6.66 1.01
CA TYR B 198 -8.83 7.01 1.69
C TYR B 198 -7.79 5.92 1.34
N VAL B 199 -6.55 6.33 1.12
CA VAL B 199 -5.48 5.47 0.66
C VAL B 199 -5.31 4.20 1.51
N ASP B 200 -5.46 4.30 2.83
CA ASP B 200 -5.32 3.12 3.68
C ASP B 200 -6.49 2.11 3.53
N ALA B 201 -7.71 2.63 3.37
CA ALA B 201 -8.86 1.81 2.99
C ALA B 201 -8.66 1.06 1.66
N ALA B 202 -8.22 1.79 0.64
CA ALA B 202 -7.90 1.24 -0.65
C ALA B 202 -6.85 0.14 -0.61
N ALA B 203 -5.82 0.34 0.22
CA ALA B 203 -4.76 -0.67 0.34
C ALA B 203 -5.32 -1.95 0.88
N ALA B 204 -6.34 -1.82 1.70
CA ALA B 204 -7.03 -2.94 2.33
C ALA B 204 -8.12 -3.49 1.44
N ASN B 205 -8.88 -2.61 0.79
CA ASN B 205 -9.96 -3.08 -0.09
C ASN B 205 -9.42 -3.78 -1.35
N LEU B 206 -8.23 -3.41 -1.76
CA LEU B 206 -7.56 -4.08 -2.86
C LEU B 206 -7.31 -5.57 -2.57
N VAL B 207 -7.16 -5.91 -1.30
CA VAL B 207 -7.09 -7.31 -0.87
C VAL B 207 -8.47 -7.96 -0.57
N ARG B 208 -9.39 -7.24 0.08
CA ARG B 208 -10.72 -7.79 0.40
C ARG B 208 -11.57 -8.09 -0.87
N ASN B 209 -11.83 -7.09 -1.70
CA ASN B 209 -12.44 -7.27 -3.00
C ASN B 209 -11.96 -6.31 -4.08
N PRO B 210 -10.93 -6.71 -4.81
CA PRO B 210 -10.42 -5.91 -5.93
C PRO B 210 -11.34 -5.72 -7.13
N GLN B 211 -12.43 -6.45 -7.17
CA GLN B 211 -13.33 -6.38 -8.32
C GLN B 211 -14.29 -5.22 -8.17
N MET B 212 -14.17 -4.49 -7.08
CA MET B 212 -14.99 -3.32 -6.87
C MET B 212 -14.36 -2.12 -7.59
N PHE B 213 -13.14 -2.29 -8.08
CA PHE B 213 -12.40 -1.23 -8.68
C PHE B 213 -12.34 -1.35 -10.20
N ASP B 214 -12.42 -0.21 -10.88
CA ASP B 214 -12.20 -0.13 -12.31
C ASP B 214 -11.02 0.81 -12.52
N VAL B 215 -11.27 2.11 -12.62
CA VAL B 215 -10.20 3.10 -12.78
C VAL B 215 -9.91 3.81 -11.44
N ILE B 216 -8.64 3.90 -11.08
CA ILE B 216 -8.22 4.57 -9.88
C ILE B 216 -7.38 5.76 -10.29
N VAL B 217 -7.79 6.94 -9.81
CA VAL B 217 -7.00 8.18 -10.02
C VAL B 217 -6.37 8.65 -8.70
N THR B 218 -5.05 8.69 -8.67
CA THR B 218 -4.37 9.06 -7.45
C THR B 218 -3.10 9.87 -7.64
N GLU B 219 -2.43 10.17 -6.53
CA GLU B 219 -1.23 10.99 -6.57
C GLU B 219 0.07 10.19 -6.85
N ASN B 220 1.17 10.93 -7.01
CA ASN B 220 2.45 10.33 -7.34
C ASN B 220 2.81 9.20 -6.36
N VAL B 221 2.98 9.55 -5.10
CA VAL B 221 3.35 8.58 -4.04
C VAL B 221 2.31 7.48 -3.79
N TYR B 222 1.07 7.81 -3.48
CA TYR B 222 0.03 6.80 -3.24
C TYR B 222 -0.07 5.82 -4.43
N GLY B 223 -0.04 6.34 -5.65
CA GLY B 223 -0.06 5.49 -6.81
C GLY B 223 1.17 4.65 -7.02
N ASP B 224 2.28 5.09 -6.46
CA ASP B 224 3.50 4.30 -6.56
C ASP B 224 3.37 3.02 -5.77
N ILE B 225 2.83 3.14 -4.58
CA ILE B 225 2.60 1.98 -3.71
C ILE B 225 1.46 1.07 -4.23
N LEU B 226 0.28 1.63 -4.47
CA LEU B 226 -0.88 0.84 -4.82
C LEU B 226 -0.68 0.13 -6.14
N SER B 227 0.16 0.67 -7.01
CA SER B 227 0.40 0.06 -8.32
C SER B 227 1.03 -1.30 -8.18
N ASP B 228 2.09 -1.36 -7.39
CA ASP B 228 2.77 -2.60 -7.12
C ASP B 228 1.92 -3.62 -6.34
N GLU B 229 1.05 -3.15 -5.45
CA GLU B 229 0.17 -4.02 -4.69
C GLU B 229 -0.85 -4.61 -5.64
N ALA B 230 -1.36 -3.79 -6.56
CA ALA B 230 -2.37 -4.23 -7.51
C ALA B 230 -1.83 -5.19 -8.56
N SER B 231 -0.57 -5.04 -8.96
CA SER B 231 -0.01 -5.92 -9.97
C SER B 231 0.24 -7.33 -9.41
N GLN B 232 0.74 -7.41 -8.17
CA GLN B 232 0.92 -8.68 -7.47
C GLN B 232 -0.43 -9.39 -7.32
N ILE B 233 -1.44 -8.70 -6.84
CA ILE B 233 -2.75 -9.30 -6.64
C ILE B 233 -3.24 -9.91 -7.92
N ALA B 234 -3.07 -9.22 -9.04
CA ALA B 234 -3.57 -9.69 -10.34
C ALA B 234 -2.81 -10.88 -10.86
N GLY B 235 -1.54 -10.91 -10.56
CA GLY B 235 -0.71 -11.97 -11.05
C GLY B 235 0.73 -11.87 -10.63
N SER B 236 1.54 -11.24 -11.46
CA SER B 236 2.96 -11.11 -11.19
C SER B 236 3.44 -9.70 -11.59
N LEU B 237 4.55 -9.25 -10.99
CA LEU B 237 5.16 -7.98 -11.35
C LEU B 237 5.96 -8.11 -12.66
N GLY B 238 6.28 -9.35 -13.05
CA GLY B 238 7.07 -9.64 -14.22
C GLY B 238 6.26 -9.76 -15.47
N ILE B 239 4.95 -9.62 -15.34
CA ILE B 239 3.99 -9.72 -16.45
C ILE B 239 3.39 -8.32 -16.67
N ALA B 240 3.77 -7.39 -15.81
CA ALA B 240 3.14 -6.09 -15.75
C ALA B 240 3.71 -5.07 -16.72
N PRO B 241 2.86 -4.47 -17.54
CA PRO B 241 3.30 -3.45 -18.48
C PRO B 241 3.21 -2.10 -17.80
N SER B 242 3.83 -1.09 -18.39
CA SER B 242 3.78 0.28 -17.86
C SER B 242 3.81 1.32 -18.95
N ALA B 243 3.23 2.48 -18.67
CA ALA B 243 3.21 3.56 -19.64
C ALA B 243 3.36 4.92 -18.99
N ASN B 244 3.97 5.83 -19.72
CA ASN B 244 4.10 7.20 -19.31
C ASN B 244 3.65 8.05 -20.50
N ILE B 245 2.49 8.69 -20.33
CA ILE B 245 1.84 9.45 -21.38
C ILE B 245 1.89 10.96 -21.17
N GLY B 246 2.46 11.65 -22.15
CA GLY B 246 2.43 13.10 -22.28
C GLY B 246 1.48 13.54 -23.41
N ASP B 247 1.41 14.83 -23.68
CA ASP B 247 0.52 15.33 -24.73
C ASP B 247 1.09 15.07 -26.12
N LYS B 248 2.39 15.16 -26.29
CA LYS B 248 3.00 14.99 -27.59
C LYS B 248 4.16 13.97 -27.58
N LYS B 249 4.12 13.05 -26.62
CA LYS B 249 5.14 12.02 -26.53
C LYS B 249 4.70 11.01 -25.47
N ALA B 250 4.93 9.74 -25.73
CA ALA B 250 4.52 8.70 -24.82
C ALA B 250 5.61 7.66 -24.78
N LEU B 251 5.78 7.02 -23.63
CA LEU B 251 6.75 5.95 -23.45
C LEU B 251 6.10 4.65 -22.94
N PHE B 252 6.47 3.51 -23.52
CA PHE B 252 5.93 2.22 -23.14
C PHE B 252 7.05 1.19 -22.85
N GLU B 253 7.02 0.64 -21.64
CA GLU B 253 8.02 -0.32 -21.18
C GLU B 253 7.45 -1.36 -20.24
N PRO B 254 8.17 -2.45 -20.07
CA PRO B 254 7.76 -3.42 -19.07
C PRO B 254 8.16 -2.87 -17.70
N VAL B 255 7.54 -3.38 -16.65
CA VAL B 255 7.91 -2.99 -15.31
C VAL B 255 9.18 -3.69 -14.84
N HIS B 256 9.41 -4.91 -15.32
CA HIS B 256 10.57 -5.72 -14.87
C HIS B 256 11.88 -5.11 -15.30
N GLY B 257 12.94 -5.42 -14.55
CA GLY B 257 14.29 -4.99 -14.85
C GLY B 257 14.97 -5.81 -15.93
N ALA B 258 16.29 -5.59 -16.05
CA ALA B 258 17.12 -6.22 -17.09
C ALA B 258 17.33 -7.66 -16.82
N ALA B 259 17.26 -8.06 -15.54
CA ALA B 259 17.43 -9.47 -15.16
C ALA B 259 18.67 -10.06 -15.79
N PHE B 260 19.85 -9.65 -15.34
CA PHE B 260 21.12 -10.16 -15.88
C PHE B 260 21.36 -11.65 -15.55
N ASP B 261 20.79 -12.12 -14.48
CA ASP B 261 21.00 -13.50 -14.05
C ASP B 261 20.52 -14.54 -15.07
N ILE B 262 19.52 -14.19 -15.89
CA ILE B 262 18.96 -15.13 -16.91
C ILE B 262 19.19 -14.68 -18.35
N ALA B 263 19.84 -13.56 -18.53
CA ALA B 263 20.17 -13.11 -19.88
C ALA B 263 20.94 -14.17 -20.64
N GLY B 264 20.61 -14.36 -21.92
CA GLY B 264 21.26 -15.37 -22.75
C GLY B 264 20.76 -16.81 -22.66
N LYS B 265 20.07 -17.16 -21.58
CA LYS B 265 19.55 -18.51 -21.44
C LYS B 265 18.31 -18.72 -22.35
N ASN B 266 17.92 -17.67 -23.04
CA ASN B 266 16.73 -17.70 -23.89
C ASN B 266 15.43 -18.12 -23.16
N ILE B 267 15.17 -17.53 -22.00
CA ILE B 267 13.98 -17.84 -21.21
C ILE B 267 13.21 -16.60 -20.71
N GLY B 268 13.70 -15.41 -21.03
CA GLY B 268 13.04 -14.20 -20.62
C GLY B 268 11.64 -14.13 -21.20
N ASN B 269 10.68 -13.75 -20.35
CA ASN B 269 9.28 -13.68 -20.75
C ASN B 269 8.94 -12.36 -21.47
N PRO B 270 8.50 -12.41 -22.72
CA PRO B 270 8.16 -11.19 -23.44
C PRO B 270 6.76 -10.60 -23.17
N THR B 271 5.99 -11.20 -22.26
CA THR B 271 4.63 -10.77 -22.06
C THR B 271 4.51 -9.31 -21.69
N ALA B 272 5.25 -8.89 -20.70
CA ALA B 272 5.16 -7.53 -20.26
C ALA B 272 5.41 -6.56 -21.42
N PHE B 273 6.46 -6.83 -22.20
CA PHE B 273 6.81 -6.02 -23.35
C PHE B 273 5.68 -5.96 -24.41
N LEU B 274 5.15 -7.11 -24.79
CA LEU B 274 4.10 -7.22 -25.80
C LEU B 274 2.78 -6.55 -25.32
N LEU B 275 2.53 -6.56 -24.01
CA LEU B 275 1.36 -5.87 -23.47
C LEU B 275 1.59 -4.39 -23.50
N SER B 276 2.85 -3.94 -23.45
CA SER B 276 3.18 -2.51 -23.60
C SER B 276 2.90 -2.04 -25.00
N VAL B 277 3.21 -2.90 -25.97
CA VAL B 277 2.98 -2.60 -27.34
C VAL B 277 1.49 -2.42 -27.55
N SER B 278 0.72 -3.19 -26.80
CA SER B 278 -0.72 -3.19 -26.93
C SER B 278 -1.28 -1.89 -26.43
N MET B 279 -0.68 -1.39 -25.37
CA MET B 279 -1.09 -0.12 -24.80
C MET B 279 -0.76 1.03 -25.76
N MET B 280 0.43 0.95 -26.37
CA MET B 280 0.87 1.90 -27.37
C MET B 280 -0.15 2.03 -28.50
N TYR B 281 -0.62 0.91 -28.99
CA TYR B 281 -1.58 0.96 -30.04
C TYR B 281 -2.81 1.69 -29.53
N GLU B 282 -3.13 1.51 -28.25
CA GLU B 282 -4.31 2.15 -27.67
C GLU B 282 -4.16 3.67 -27.64
N ARG B 283 -2.93 4.13 -27.43
CA ARG B 283 -2.64 5.55 -27.41
C ARG B 283 -2.63 6.15 -28.82
N MET B 284 -2.29 5.34 -29.81
CA MET B 284 -2.27 5.79 -31.19
C MET B 284 -3.70 5.99 -31.66
N TYR B 285 -4.61 5.22 -31.09
CA TYR B 285 -6.01 5.38 -31.40
C TYR B 285 -6.53 6.69 -30.90
N GLU B 286 -6.24 7.05 -29.65
CA GLU B 286 -6.72 8.31 -29.09
C GLU B 286 -6.21 9.49 -29.89
N LEU B 287 -5.02 9.35 -30.47
CA LEU B 287 -4.39 10.45 -31.18
C LEU B 287 -4.87 10.60 -32.60
N SER B 288 -5.20 9.50 -33.27
CA SER B 288 -5.55 9.52 -34.67
C SER B 288 -7.02 9.34 -34.87
N ASN B 289 -7.66 8.68 -33.93
CA ASN B 289 -9.10 8.40 -33.98
C ASN B 289 -9.40 7.36 -35.04
N ASP B 290 -8.35 6.68 -35.49
CA ASP B 290 -8.46 5.61 -36.46
C ASP B 290 -8.46 4.28 -35.73
N ASP B 291 -9.62 3.63 -35.65
CA ASP B 291 -9.80 2.37 -34.92
C ASP B 291 -8.99 1.16 -35.44
N ARG B 292 -8.22 1.32 -36.51
CA ARG B 292 -7.35 0.24 -36.93
C ARG B 292 -6.39 -0.10 -35.77
N TYR B 293 -5.96 0.93 -35.03
CA TYR B 293 -5.00 0.76 -33.94
C TYR B 293 -5.64 0.03 -32.77
N ILE B 294 -6.91 0.31 -32.52
CA ILE B 294 -7.62 -0.35 -31.45
C ILE B 294 -7.84 -1.84 -31.81
N LYS B 295 -8.03 -2.14 -33.09
CA LYS B 295 -8.21 -3.50 -33.54
C LYS B 295 -6.90 -4.27 -33.42
N ALA B 296 -5.79 -3.57 -33.62
CA ALA B 296 -4.46 -4.17 -33.46
C ALA B 296 -4.11 -4.45 -31.99
N SER B 297 -4.62 -3.59 -31.12
CA SER B 297 -4.48 -3.70 -29.70
C SER B 297 -5.24 -4.96 -29.16
N ARG B 298 -6.52 -5.09 -29.52
CA ARG B 298 -7.34 -6.24 -29.09
C ARG B 298 -6.80 -7.52 -29.67
N ALA B 299 -6.32 -7.46 -30.92
CA ALA B 299 -5.78 -8.62 -31.62
C ALA B 299 -4.54 -9.18 -30.92
N LEU B 300 -3.68 -8.32 -30.43
CA LEU B 300 -2.47 -8.73 -29.76
C LEU B 300 -2.78 -9.23 -28.35
N GLU B 301 -3.52 -8.46 -27.56
CA GLU B 301 -3.94 -8.85 -26.21
C GLU B 301 -4.59 -10.24 -26.23
N ASN B 302 -5.55 -10.44 -27.12
CA ASN B 302 -6.21 -11.73 -27.35
C ASN B 302 -5.29 -12.91 -27.60
N ALA B 303 -4.39 -12.78 -28.58
CA ALA B 303 -3.41 -13.81 -28.92
C ALA B 303 -2.61 -14.28 -27.70
N ILE B 304 -2.15 -13.35 -26.86
CA ILE B 304 -1.40 -13.78 -25.70
C ILE B 304 -2.32 -14.47 -24.71
N TYR B 305 -3.53 -14.01 -24.59
CA TYR B 305 -4.49 -14.64 -23.69
C TYR B 305 -4.78 -16.11 -24.11
N LEU B 306 -4.90 -16.36 -25.41
CA LEU B 306 -5.12 -17.70 -25.92
C LEU B 306 -3.95 -18.61 -25.60
N VAL B 307 -2.71 -18.16 -25.81
CA VAL B 307 -1.58 -19.03 -25.54
C VAL B 307 -1.45 -19.35 -24.05
N TYR B 308 -1.80 -18.41 -23.17
CA TYR B 308 -1.72 -18.62 -21.74
C TYR B 308 -2.78 -19.63 -21.28
N LYS B 309 -3.97 -19.54 -21.88
CA LYS B 309 -5.10 -20.41 -21.58
C LYS B 309 -4.81 -21.86 -21.97
N GLU B 310 -4.05 -22.03 -23.04
CA GLU B 310 -3.69 -23.35 -23.56
C GLU B 310 -2.54 -23.96 -22.80
N ARG B 311 -1.69 -23.15 -22.18
CA ARG B 311 -0.56 -23.59 -21.35
C ARG B 311 0.41 -24.55 -21.99
N LYS B 312 0.52 -24.54 -23.30
CA LYS B 312 1.42 -25.49 -23.94
C LYS B 312 2.83 -24.96 -24.15
N ALA B 313 2.98 -23.65 -24.31
CA ALA B 313 4.32 -23.08 -24.51
C ALA B 313 4.58 -21.82 -23.67
N LEU B 314 4.65 -21.98 -22.36
CA LEU B 314 4.90 -20.86 -21.48
C LEU B 314 6.37 -20.84 -21.07
N THR B 315 6.81 -19.73 -20.49
CA THR B 315 8.18 -19.60 -20.02
C THR B 315 8.23 -20.06 -18.58
N PRO B 316 9.42 -20.47 -18.12
CA PRO B 316 9.61 -20.95 -16.76
C PRO B 316 9.24 -20.03 -15.63
N ASP B 317 9.18 -18.74 -15.88
CA ASP B 317 8.78 -17.81 -14.82
C ASP B 317 7.32 -17.96 -14.42
N VAL B 318 6.49 -18.50 -15.29
CA VAL B 318 5.09 -18.70 -14.99
C VAL B 318 4.73 -20.18 -14.93
N GLY B 319 5.72 -21.03 -14.66
CA GLY B 319 5.47 -22.44 -14.53
C GLY B 319 5.62 -23.27 -15.78
N GLY B 320 6.00 -22.67 -16.90
CA GLY B 320 6.20 -23.41 -18.13
C GLY B 320 7.59 -23.95 -18.27
N ASN B 321 7.89 -24.50 -19.43
CA ASN B 321 9.21 -25.07 -19.68
C ASN B 321 9.68 -24.82 -21.10
N ALA B 322 9.07 -23.85 -21.75
CA ALA B 322 9.43 -23.51 -23.10
C ALA B 322 10.39 -22.32 -23.11
N THR B 323 10.96 -22.10 -24.28
CA THR B 323 11.94 -21.06 -24.51
C THR B 323 11.23 -19.79 -24.95
N THR B 324 11.92 -18.66 -24.87
CA THR B 324 11.35 -17.37 -25.29
C THR B 324 10.97 -17.31 -26.81
N ASP B 325 11.60 -18.14 -27.64
CA ASP B 325 11.27 -18.32 -29.07
C ASP B 325 9.96 -19.08 -29.26
N ASP B 326 9.65 -20.04 -28.39
CA ASP B 326 8.44 -20.84 -28.55
C ASP B 326 7.22 -20.01 -28.26
N LEU B 327 7.31 -19.18 -27.21
CA LEU B 327 6.18 -18.36 -26.79
C LEU B 327 5.87 -17.28 -27.83
N ILE B 328 6.91 -16.66 -28.39
CA ILE B 328 6.67 -15.71 -29.45
C ILE B 328 6.03 -16.35 -30.67
N ASN B 329 6.47 -17.56 -31.03
CA ASN B 329 5.88 -18.30 -32.18
C ASN B 329 4.40 -18.59 -32.04
N GLU B 330 4.00 -19.00 -30.85
CA GLU B 330 2.61 -19.29 -30.55
C GLU B 330 1.73 -18.05 -30.63
N ILE B 331 2.29 -16.88 -30.33
CA ILE B 331 1.56 -15.64 -30.45
C ILE B 331 1.45 -15.20 -31.91
N TYR B 332 2.46 -15.54 -32.69
CA TYR B 332 2.47 -15.29 -34.13
C TYR B 332 1.49 -16.16 -34.94
N ASN B 333 1.14 -17.35 -34.45
CA ASN B 333 0.22 -18.23 -35.15
C ASN B 333 -1.22 -17.81 -34.80
N LYS B 334 -1.40 -17.22 -33.62
CA LYS B 334 -2.72 -16.87 -33.14
C LYS B 334 -3.09 -15.48 -33.63
N LEU B 335 -2.16 -14.86 -34.34
CA LEU B 335 -2.29 -13.49 -34.83
C LEU B 335 -2.95 -13.47 -36.20
N GLY B 336 -2.36 -14.17 -37.16
CA GLY B 336 -2.88 -14.20 -38.53
C GLY B 336 -4.29 -14.78 -38.69
MG MG C . -3.46 7.92 13.07
MG MG D . 8.77 6.57 -11.07
#